data_4N5K
#
_entry.id   4N5K
#
_cell.length_a   154.698
_cell.length_b   154.698
_cell.length_c   154.698
_cell.angle_alpha   90.00
_cell.angle_beta   90.00
_cell.angle_gamma   90.00
#
_symmetry.space_group_name_H-M   'P 21 3'
#
loop_
_entity.id
_entity.type
_entity.pdbx_description
1 polymer 'Hemagglutinin HA1'
2 polymer 'Hemagglutinin HA2'
3 branched beta-D-mannopyranose-(1-4)-2-acetamido-2-deoxy-beta-D-glucopyranose-(1-4)-2-acetamido-2-deoxy-beta-D-glucopyranose
4 branched 'N-acetyl-alpha-neuraminic acid-(2-3)-beta-D-galactopyranose'
5 non-polymer 2-acetamido-2-deoxy-beta-D-glucopyranose
6 non-polymer 'N-acetyl-alpha-neuraminic acid'
7 water water
#
loop_
_entity_poly.entity_id
_entity_poly.type
_entity_poly.pdbx_seq_one_letter_code
_entity_poly.pdbx_strand_id
1 'polypeptide(L)'
;DKICLGHHAVSNGTKVNTLTERGVEVVNATETVERTNIPRICSKGKRTVDLGQCGLLGTITGPPQCDQFLEFSADLIIER
REGSDVCYPGKFVNEEALRQILRESGGIDKEAMGFTYSGIRTNGATSACRRSGSSFYAEMKWLLSNTDNAAFPQMTKSYK
NTRKSPALIVWGIHHSVSTAEQTKLYGSGNKLVTVGSSNYQQSFVPSPGARPQVNGLSGRIDFHWLMLNPNDTVTFSFNG
AFIAPDRASFLRGKSMGIQSGVQVDANCEGDCYHSGGTIISNLPFQNIDSRAVGKCPRYVKQRSLLLATGMKNVPEIPKG
R
;
A,C
2 'polypeptide(L)'
;GAIAGFIENGWEGLIDGWYGFRHQNAQGEGTAADYKSTQSAIDQITGKLNRLIEKTNQQFELIDNEFNEVEKQIGNVINW
TRDSITEVWSYNAELLVAMENQHTIDLADSEMDKLYERVKRQLRENAEEDGTGCFEIFHKCDDDCMASIRNNTYDHSKYR
EEAMQNRIQIDPVSGRLVPR
;
B,D
#
# COMPACT_ATOMS: atom_id res chain seq x y z
N ASP A 1 40.07 34.08 17.91
CA ASP A 1 39.93 32.64 17.92
C ASP A 1 38.66 32.23 18.66
N LYS A 2 37.99 31.20 18.15
CA LYS A 2 36.63 30.89 18.58
C LYS A 2 36.32 29.44 18.26
N ILE A 3 35.73 28.72 19.22
CA ILE A 3 35.29 27.34 18.98
C ILE A 3 33.80 27.18 19.32
N CYS A 4 33.05 26.59 18.40
CA CYS A 4 31.61 26.42 18.57
C CYS A 4 31.22 24.96 18.65
N LEU A 5 30.24 24.67 19.49
CA LEU A 5 29.67 23.33 19.60
C LEU A 5 28.38 23.29 18.82
N GLY A 6 28.18 22.22 18.03
CA GLY A 6 26.98 22.13 17.23
C GLY A 6 26.50 20.71 16.99
N HIS A 7 25.32 20.61 16.39
CA HIS A 7 24.73 19.31 16.05
C HIS A 7 24.26 19.34 14.61
N HIS A 8 24.23 18.18 13.96
CA HIS A 8 23.89 18.13 12.55
C HIS A 8 22.41 18.39 12.27
N ALA A 9 22.09 18.69 11.02
CA ALA A 9 20.72 18.94 10.59
C ALA A 9 20.56 18.65 9.11
N VAL A 10 19.32 18.58 8.64
CA VAL A 10 19.06 18.31 7.23
C VAL A 10 17.99 19.25 6.66
N SER A 11 17.82 19.20 5.34
CA SER A 11 16.70 19.84 4.67
C SER A 11 15.67 18.76 4.39
N ASN A 12 16.08 17.52 4.62
CA ASN A 12 15.27 16.34 4.35
C ASN A 12 14.59 15.87 5.63
N GLY A 13 13.99 16.80 6.37
CA GLY A 13 13.38 16.49 7.65
C GLY A 13 12.05 15.74 7.57
N THR A 14 11.82 14.85 8.52
CA THR A 14 10.57 14.09 8.57
C THR A 14 9.80 14.33 9.88
N LYS A 15 8.52 14.65 9.76
CA LYS A 15 7.69 15.01 10.90
C LYS A 15 7.24 13.81 11.73
N VAL A 16 7.29 13.95 13.05
CA VAL A 16 6.77 12.93 13.96
C VAL A 16 5.89 13.60 15.03
N ASN A 17 5.32 12.79 15.91
CA ASN A 17 4.50 13.32 16.99
C ASN A 17 5.12 13.07 18.36
N THR A 18 4.83 13.94 19.32
CA THR A 18 5.28 13.77 20.69
C THR A 18 4.11 13.96 21.65
N LEU A 19 4.41 14.16 22.92
CA LEU A 19 3.38 14.46 23.90
C LEU A 19 2.79 15.85 23.67
N THR A 20 3.65 16.79 23.31
CA THR A 20 3.26 18.19 23.21
C THR A 20 3.02 18.62 21.76
N GLU A 21 3.99 18.37 20.90
CA GLU A 21 3.93 18.82 19.51
C GLU A 21 3.34 17.77 18.57
N ARG A 22 2.74 18.24 17.48
CA ARG A 22 2.26 17.35 16.43
C ARG A 22 2.84 17.81 15.10
N GLY A 23 3.80 17.04 14.59
CA GLY A 23 4.46 17.40 13.35
C GLY A 23 5.82 18.05 13.56
N VAL A 24 6.42 17.83 14.71
CA VAL A 24 7.79 18.30 14.97
C VAL A 24 8.78 17.54 14.09
N GLU A 25 9.60 18.27 13.35
CA GLU A 25 10.56 17.64 12.45
C GLU A 25 11.75 17.05 13.22
N VAL A 26 12.08 15.80 12.92
CA VAL A 26 13.31 15.19 13.39
C VAL A 26 14.20 14.87 12.19
N VAL A 27 15.47 14.59 12.46
CA VAL A 27 16.43 14.30 11.40
C VAL A 27 16.10 13.01 10.68
N ASN A 28 15.70 12.01 11.44
CA ASN A 28 15.47 10.68 10.90
C ASN A 28 14.42 9.91 11.71
N ALA A 29 13.58 9.17 11.02
CA ALA A 29 12.54 8.38 11.67
C ALA A 29 12.32 7.07 10.95
N THR A 30 11.69 6.11 11.63
CA THR A 30 11.33 4.84 11.01
C THR A 30 9.89 4.44 11.34
N GLU A 31 9.30 3.61 10.49
CA GLU A 31 7.92 3.17 10.69
C GLU A 31 7.84 2.04 11.72
N THR A 32 6.79 2.07 12.53
CA THR A 32 6.54 1.04 13.53
C THR A 32 5.32 0.18 13.19
N VAL A 33 4.52 0.62 12.22
CA VAL A 33 3.31 -0.09 11.82
C VAL A 33 3.46 -0.71 10.42
N GLU A 34 3.45 -2.04 10.35
CA GLU A 34 3.57 -2.73 9.07
C GLU A 34 2.31 -2.61 8.23
N ARG A 35 2.48 -2.31 6.94
CA ARG A 35 1.39 -2.32 5.97
C ARG A 35 1.77 -3.14 4.75
N THR A 36 2.99 -3.64 4.74
CA THR A 36 3.51 -4.39 3.60
C THR A 36 3.08 -5.86 3.68
N ASN A 37 2.26 -6.29 2.73
CA ASN A 37 1.73 -7.65 2.72
C ASN A 37 2.35 -8.52 1.64
N ILE A 38 2.51 -9.80 1.94
CA ILE A 38 2.95 -10.80 0.96
C ILE A 38 1.74 -11.65 0.59
N PRO A 39 1.19 -11.43 -0.62
CA PRO A 39 -0.05 -12.08 -1.06
C PRO A 39 0.12 -13.56 -1.37
N ARG A 40 0.90 -14.26 -0.55
CA ARG A 40 1.09 -15.70 -0.68
C ARG A 40 1.13 -16.33 0.71
N ILE A 41 0.96 -17.64 0.78
CA ILE A 41 1.10 -18.35 2.06
C ILE A 41 2.49 -18.97 2.16
N CYS A 42 3.36 -18.29 2.91
CA CYS A 42 4.75 -18.72 3.07
C CYS A 42 4.83 -19.99 3.92
N SER A 43 5.03 -21.12 3.26
CA SER A 43 4.90 -22.42 3.89
C SER A 43 6.23 -23.17 4.12
N LYS A 44 7.35 -22.50 3.86
CA LYS A 44 8.65 -23.14 4.03
C LYS A 44 8.86 -23.62 5.46
N GLY A 45 9.34 -24.86 5.59
CA GLY A 45 9.59 -25.42 6.90
C GLY A 45 8.35 -26.01 7.54
N LYS A 46 7.19 -25.76 6.93
CA LYS A 46 5.92 -26.25 7.47
C LYS A 46 5.19 -27.19 6.52
N ARG A 47 4.84 -28.37 7.00
CA ARG A 47 4.05 -29.33 6.23
C ARG A 47 2.65 -28.75 6.01
N THR A 48 2.29 -28.54 4.76
CA THR A 48 1.10 -27.77 4.43
C THR A 48 0.11 -28.53 3.55
N VAL A 49 -1.17 -28.47 3.92
CA VAL A 49 -2.23 -29.02 3.09
C VAL A 49 -3.18 -27.93 2.59
N ASP A 50 -3.35 -27.86 1.27
CA ASP A 50 -4.33 -26.94 0.66
C ASP A 50 -5.59 -27.73 0.33
N LEU A 51 -6.45 -27.87 1.33
CA LEU A 51 -7.66 -28.70 1.25
C LEU A 51 -8.51 -28.43 0.01
N GLY A 52 -8.43 -27.21 -0.53
CA GLY A 52 -9.14 -26.85 -1.74
C GLY A 52 -10.64 -27.03 -1.64
N GLN A 53 -11.15 -28.03 -2.35
CA GLN A 53 -12.58 -28.32 -2.36
C GLN A 53 -13.01 -29.15 -1.16
N CYS A 54 -12.05 -29.78 -0.50
CA CYS A 54 -12.35 -30.56 0.70
C CYS A 54 -12.56 -29.68 1.92
N GLY A 55 -13.78 -29.61 2.42
CA GLY A 55 -14.05 -28.93 3.68
C GLY A 55 -13.33 -29.65 4.81
N LEU A 56 -12.91 -28.91 5.83
CA LEU A 56 -12.14 -29.50 6.92
C LEU A 56 -12.91 -30.61 7.64
N LEU A 57 -14.21 -30.38 7.87
CA LEU A 57 -15.05 -31.39 8.50
C LEU A 57 -15.28 -32.57 7.57
N GLY A 58 -15.13 -32.35 6.27
CA GLY A 58 -15.26 -33.41 5.29
C GLY A 58 -14.16 -34.45 5.40
N THR A 59 -13.04 -34.09 6.02
CA THR A 59 -11.94 -35.02 6.20
C THR A 59 -12.28 -36.17 7.16
N ILE A 60 -13.36 -35.98 7.92
CA ILE A 60 -13.76 -36.98 8.92
C ILE A 60 -14.80 -37.94 8.34
N THR A 61 -15.82 -37.40 7.69
CA THR A 61 -16.88 -38.20 7.08
C THR A 61 -16.46 -38.75 5.72
N GLY A 62 -15.73 -37.95 4.95
CA GLY A 62 -15.16 -38.39 3.70
C GLY A 62 -16.02 -38.39 2.45
N PRO A 63 -16.47 -37.21 2.01
CA PRO A 63 -17.08 -37.12 0.67
C PRO A 63 -15.97 -37.29 -0.35
N PRO A 64 -16.31 -37.47 -1.65
CA PRO A 64 -15.27 -37.65 -2.66
C PRO A 64 -14.18 -36.57 -2.63
N GLN A 65 -14.56 -35.32 -2.44
CA GLN A 65 -13.61 -34.19 -2.44
C GLN A 65 -12.46 -34.36 -1.44
N CYS A 66 -12.70 -35.12 -0.37
CA CYS A 66 -11.75 -35.22 0.73
C CYS A 66 -11.02 -36.57 0.78
N ASP A 67 -11.18 -37.38 -0.27
CA ASP A 67 -10.59 -38.72 -0.31
C ASP A 67 -9.07 -38.74 -0.12
N GLN A 68 -8.39 -37.68 -0.56
CA GLN A 68 -6.94 -37.58 -0.41
C GLN A 68 -6.53 -37.22 1.01
N PHE A 69 -7.49 -36.73 1.80
CA PHE A 69 -7.18 -36.16 3.11
C PHE A 69 -7.73 -36.96 4.29
N LEU A 70 -8.19 -38.18 4.01
CA LEU A 70 -8.86 -39.01 5.02
C LEU A 70 -7.98 -39.32 6.25
N GLU A 71 -6.67 -39.28 6.05
CA GLU A 71 -5.72 -39.47 7.14
C GLU A 71 -4.55 -38.51 6.97
N PHE A 72 -4.84 -37.27 6.62
CA PHE A 72 -3.80 -36.29 6.33
C PHE A 72 -2.94 -35.95 7.54
N SER A 73 -1.84 -35.27 7.28
CA SER A 73 -0.93 -34.82 8.34
C SER A 73 -0.37 -33.47 7.93
N ALA A 74 -0.33 -32.53 8.86
CA ALA A 74 0.12 -31.17 8.54
C ALA A 74 0.60 -30.38 9.75
N ASP A 75 1.34 -29.31 9.47
CA ASP A 75 1.72 -28.33 10.47
C ASP A 75 0.85 -27.10 10.21
N LEU A 76 0.54 -26.89 8.95
CA LEU A 76 -0.32 -25.79 8.53
C LEU A 76 -1.49 -26.32 7.70
N ILE A 77 -2.70 -25.92 8.08
CA ILE A 77 -3.91 -26.36 7.38
C ILE A 77 -4.61 -25.16 6.75
N ILE A 78 -4.91 -25.26 5.46
CA ILE A 78 -5.51 -24.14 4.74
C ILE A 78 -6.91 -24.48 4.24
N GLU A 79 -7.92 -23.77 4.76
CA GLU A 79 -9.28 -23.92 4.26
C GLU A 79 -9.48 -22.98 3.07
N ARG A 80 -10.30 -23.40 2.13
CA ARG A 80 -10.62 -22.59 0.95
C ARG A 80 -12.12 -22.36 0.90
N ARG A 81 -12.54 -21.21 0.37
CA ARG A 81 -13.96 -20.86 0.31
C ARG A 81 -14.78 -21.87 -0.48
N GLU A 82 -14.20 -22.41 -1.55
CA GLU A 82 -14.88 -23.41 -2.37
C GLU A 82 -14.96 -24.76 -1.67
N GLY A 83 -14.35 -24.86 -0.50
CA GLY A 83 -14.39 -26.09 0.27
C GLY A 83 -15.80 -26.47 0.66
N SER A 84 -16.01 -27.77 0.86
CA SER A 84 -17.31 -28.28 1.27
C SER A 84 -17.15 -29.54 2.11
N ASP A 85 -17.91 -29.62 3.20
CA ASP A 85 -17.84 -30.76 4.10
C ASP A 85 -18.83 -31.85 3.67
N VAL A 86 -19.54 -31.57 2.58
CA VAL A 86 -20.75 -32.32 2.25
C VAL A 86 -20.89 -32.73 0.78
N CYS A 87 -21.40 -33.94 0.55
CA CYS A 87 -21.84 -34.37 -0.77
C CYS A 87 -23.36 -34.46 -0.77
N TYR A 88 -23.90 -35.28 0.13
CA TYR A 88 -25.33 -35.30 0.39
C TYR A 88 -25.65 -34.15 1.34
N PRO A 89 -26.57 -33.27 0.94
CA PRO A 89 -26.88 -32.00 1.62
C PRO A 89 -27.11 -32.15 3.11
N GLY A 90 -26.45 -31.30 3.88
CA GLY A 90 -26.52 -31.35 5.33
C GLY A 90 -25.47 -30.49 5.99
N LYS A 91 -25.40 -30.55 7.32
CA LYS A 91 -24.43 -29.76 8.06
C LYS A 91 -24.13 -30.41 9.41
N PHE A 92 -22.96 -30.11 9.95
CA PHE A 92 -22.60 -30.60 11.27
C PHE A 92 -23.31 -29.79 12.34
N VAL A 93 -23.55 -30.41 13.50
CA VAL A 93 -23.97 -29.70 14.69
C VAL A 93 -22.69 -29.36 15.43
N ASN A 94 -22.63 -28.15 16.01
CA ASN A 94 -21.39 -27.63 16.60
C ASN A 94 -20.23 -27.68 15.62
N GLU A 95 -20.46 -27.12 14.43
CA GLU A 95 -19.46 -27.18 13.35
C GLU A 95 -18.19 -26.40 13.65
N GLU A 96 -18.34 -25.18 14.16
CA GLU A 96 -17.20 -24.30 14.36
C GLU A 96 -16.27 -24.80 15.47
N ALA A 97 -16.84 -25.34 16.53
CA ALA A 97 -16.04 -25.92 17.60
C ALA A 97 -15.18 -27.06 17.05
N LEU A 98 -15.79 -27.85 16.17
CA LEU A 98 -15.10 -28.98 15.54
C LEU A 98 -13.97 -28.52 14.62
N ARG A 99 -14.23 -27.44 13.87
CA ARG A 99 -13.21 -26.88 13.00
C ARG A 99 -12.02 -26.41 13.80
N GLN A 100 -12.29 -25.67 14.88
CA GLN A 100 -11.26 -25.17 15.77
C GLN A 100 -10.41 -26.31 16.34
N ILE A 101 -11.06 -27.45 16.59
CA ILE A 101 -10.36 -28.64 17.07
C ILE A 101 -9.43 -29.21 15.99
N LEU A 102 -9.96 -29.41 14.79
CA LEU A 102 -9.20 -30.01 13.69
C LEU A 102 -8.08 -29.10 13.15
N ARG A 103 -8.22 -27.79 13.32
CA ARG A 103 -7.22 -26.83 12.83
C ARG A 103 -5.89 -26.96 13.56
N GLU A 104 -5.91 -27.52 14.76
CA GLU A 104 -4.69 -27.68 15.55
C GLU A 104 -4.45 -29.15 15.90
N SER A 105 -5.09 -30.04 15.14
CA SER A 105 -4.97 -31.47 15.35
C SER A 105 -3.65 -32.04 14.82
N GLY A 106 -3.05 -31.34 13.86
CA GLY A 106 -1.87 -31.86 13.21
C GLY A 106 -2.23 -32.93 12.21
N GLY A 107 -3.53 -33.05 11.93
CA GLY A 107 -4.02 -34.09 11.07
C GLY A 107 -4.77 -35.16 11.84
N ILE A 108 -5.28 -36.15 11.14
CA ILE A 108 -6.09 -37.21 11.75
C ILE A 108 -5.58 -38.60 11.42
N ASP A 109 -5.67 -39.50 12.40
CA ASP A 109 -5.39 -40.91 12.18
C ASP A 109 -6.69 -41.66 12.34
N LYS A 110 -7.08 -42.39 11.31
CA LYS A 110 -8.35 -43.11 11.32
C LYS A 110 -8.18 -44.55 11.80
N GLU A 111 -9.22 -45.10 12.40
CA GLU A 111 -9.19 -46.48 12.88
C GLU A 111 -10.58 -47.10 12.76
N ALA A 112 -10.64 -48.30 12.21
CA ALA A 112 -11.90 -49.05 12.09
C ALA A 112 -12.59 -49.19 13.44
N MET A 113 -13.90 -49.06 13.45
CA MET A 113 -14.67 -49.19 14.68
C MET A 113 -15.23 -50.61 14.78
N GLY A 114 -15.22 -51.32 13.66
CA GLY A 114 -15.61 -52.71 13.63
C GLY A 114 -17.06 -52.99 13.95
N PHE A 115 -17.97 -52.40 13.17
CA PHE A 115 -19.39 -52.71 13.31
C PHE A 115 -19.79 -53.75 12.26
N THR A 116 -20.67 -54.66 12.67
CA THR A 116 -21.21 -55.68 11.77
C THR A 116 -22.73 -55.68 11.82
N TYR A 117 -23.36 -55.93 10.68
CA TYR A 117 -24.81 -55.79 10.57
C TYR A 117 -25.48 -57.05 9.99
N SER A 118 -26.73 -57.28 10.35
CA SER A 118 -27.48 -58.45 9.87
C SER A 118 -28.97 -58.13 9.64
N GLY A 119 -29.52 -58.66 8.56
CA GLY A 119 -30.91 -58.40 8.20
C GLY A 119 -31.14 -56.94 7.82
N ILE A 120 -30.19 -56.38 7.08
CA ILE A 120 -30.13 -54.95 6.83
C ILE A 120 -29.22 -54.66 5.65
N ARG A 121 -29.54 -53.66 4.85
CA ARG A 121 -28.63 -53.19 3.81
C ARG A 121 -27.70 -52.10 4.38
N THR A 122 -26.45 -52.09 3.94
CA THR A 122 -25.50 -51.07 4.36
C THR A 122 -24.97 -50.33 3.14
N ASN A 123 -25.51 -50.67 1.96
CA ASN A 123 -25.03 -50.12 0.70
C ASN A 123 -25.76 -48.85 0.28
N GLY A 124 -26.24 -48.12 1.27
CA GLY A 124 -26.88 -46.83 1.02
C GLY A 124 -25.99 -45.90 0.23
N ALA A 125 -26.52 -45.44 -0.90
CA ALA A 125 -25.76 -44.60 -1.81
C ALA A 125 -26.62 -43.49 -2.41
N THR A 126 -25.97 -42.48 -2.99
CA THR A 126 -26.69 -41.37 -3.61
C THR A 126 -25.99 -40.84 -4.86
N SER A 127 -26.74 -40.16 -5.71
CA SER A 127 -26.21 -39.52 -6.92
C SER A 127 -25.34 -38.31 -6.56
N ALA A 128 -25.59 -37.73 -5.39
CA ALA A 128 -24.85 -36.55 -4.94
C ALA A 128 -23.40 -36.88 -4.56
N CYS A 129 -23.20 -38.09 -4.04
CA CYS A 129 -21.85 -38.54 -3.71
C CYS A 129 -21.31 -39.41 -4.83
N ARG A 130 -21.24 -38.87 -6.04
CA ARG A 130 -20.75 -39.64 -7.17
C ARG A 130 -19.24 -39.88 -7.11
N ARG A 131 -18.88 -41.14 -7.03
CA ARG A 131 -17.50 -41.59 -7.09
C ARG A 131 -17.52 -42.74 -8.09
N SER A 132 -17.14 -42.42 -9.33
CA SER A 132 -17.48 -43.24 -10.51
C SER A 132 -18.99 -43.22 -10.70
N GLY A 133 -19.70 -44.10 -9.98
CA GLY A 133 -21.15 -44.10 -10.00
C GLY A 133 -21.72 -43.51 -8.72
N SER A 134 -22.99 -43.79 -8.43
CA SER A 134 -23.58 -43.34 -7.18
C SER A 134 -22.87 -43.97 -6.00
N SER A 135 -22.62 -43.19 -4.96
CA SER A 135 -21.91 -43.69 -3.79
C SER A 135 -22.33 -42.92 -2.53
N PHE A 136 -21.45 -42.89 -1.53
CA PHE A 136 -21.78 -42.28 -0.25
C PHE A 136 -20.50 -41.83 0.46
N TYR A 137 -20.64 -41.26 1.64
CA TYR A 137 -19.49 -40.88 2.47
C TYR A 137 -18.59 -42.09 2.71
N ALA A 138 -17.29 -41.88 2.61
CA ALA A 138 -16.33 -42.98 2.66
C ALA A 138 -16.16 -43.60 4.04
N GLU A 139 -16.39 -42.82 5.08
CA GLU A 139 -16.18 -43.28 6.45
C GLU A 139 -17.48 -43.67 7.12
N MET A 140 -18.58 -43.60 6.36
CA MET A 140 -19.90 -43.84 6.93
C MET A 140 -20.63 -44.97 6.20
N LYS A 141 -21.68 -45.48 6.84
CA LYS A 141 -22.54 -46.47 6.22
C LYS A 141 -24.00 -46.06 6.32
N TRP A 142 -24.62 -45.84 5.16
CA TRP A 142 -26.04 -45.50 5.12
C TRP A 142 -26.83 -46.80 5.23
N LEU A 143 -27.51 -46.96 6.37
CA LEU A 143 -28.22 -48.20 6.67
C LEU A 143 -29.69 -48.12 6.24
N LEU A 144 -30.17 -49.17 5.57
CA LEU A 144 -31.56 -49.24 5.14
C LEU A 144 -32.25 -50.47 5.74
N SER A 145 -33.54 -50.62 5.46
CA SER A 145 -34.27 -51.80 5.90
C SER A 145 -33.71 -53.06 5.27
N ASN A 146 -34.22 -53.42 4.09
CA ASN A 146 -33.70 -54.59 3.36
C ASN A 146 -34.25 -54.71 1.94
N THR A 147 -35.52 -54.40 1.78
CA THR A 147 -36.19 -54.51 0.47
C THR A 147 -36.81 -53.18 0.06
N ASP A 148 -37.82 -52.75 0.82
CA ASP A 148 -38.55 -51.50 0.62
C ASP A 148 -39.77 -51.56 1.54
N ASN A 149 -40.01 -50.50 2.30
CA ASN A 149 -41.08 -50.46 3.32
C ASN A 149 -40.91 -51.48 4.44
N ALA A 150 -39.93 -52.36 4.29
CA ALA A 150 -39.66 -53.43 5.26
C ALA A 150 -39.28 -52.87 6.61
N ALA A 151 -39.53 -53.63 7.67
CA ALA A 151 -39.21 -53.20 9.02
C ALA A 151 -37.70 -53.18 9.26
N PHE A 152 -37.21 -52.13 9.90
CA PHE A 152 -35.80 -52.03 10.28
C PHE A 152 -35.65 -52.49 11.73
N PRO A 153 -34.95 -53.62 11.95
CA PRO A 153 -34.76 -54.16 13.29
C PRO A 153 -34.03 -53.20 14.22
N GLN A 154 -34.39 -53.20 15.50
CA GLN A 154 -33.64 -52.44 16.51
C GLN A 154 -32.24 -53.02 16.60
N MET A 155 -31.24 -52.14 16.72
CA MET A 155 -29.85 -52.57 16.83
C MET A 155 -29.13 -51.83 17.95
N THR A 156 -28.00 -52.36 18.38
CA THR A 156 -27.21 -51.74 19.43
C THR A 156 -25.73 -52.05 19.24
N LYS A 157 -24.99 -51.11 18.67
CA LYS A 157 -23.57 -51.28 18.41
C LYS A 157 -22.75 -50.46 19.39
N SER A 158 -21.61 -51.00 19.82
CA SER A 158 -20.74 -50.28 20.75
C SER A 158 -19.28 -50.30 20.30
N TYR A 159 -18.51 -49.32 20.77
CA TYR A 159 -17.10 -49.20 20.41
C TYR A 159 -16.32 -48.59 21.56
N LYS A 160 -15.23 -49.24 21.96
CA LYS A 160 -14.35 -48.71 23.00
C LYS A 160 -13.10 -48.08 22.38
N ASN A 161 -12.64 -46.98 22.98
CA ASN A 161 -11.38 -46.37 22.58
C ASN A 161 -10.21 -46.96 23.37
N THR A 162 -9.53 -47.93 22.77
CA THR A 162 -8.44 -48.63 23.43
C THR A 162 -7.11 -47.87 23.31
N ARG A 163 -7.19 -46.61 22.94
CA ARG A 163 -5.98 -45.79 22.75
C ARG A 163 -5.84 -44.73 23.83
N LYS A 164 -4.65 -44.14 23.92
CA LYS A 164 -4.32 -43.20 24.99
C LYS A 164 -4.82 -41.78 24.70
N SER A 165 -5.41 -41.57 23.53
CA SER A 165 -5.94 -40.27 23.13
C SER A 165 -7.44 -40.35 22.88
N PRO A 166 -8.15 -39.22 23.06
CA PRO A 166 -9.59 -39.19 22.79
C PRO A 166 -9.91 -39.46 21.32
N ALA A 167 -11.04 -40.10 21.06
CA ALA A 167 -11.44 -40.46 19.70
C ALA A 167 -12.59 -39.60 19.18
N LEU A 168 -12.40 -39.01 18.00
CA LEU A 168 -13.46 -38.26 17.37
C LEU A 168 -14.48 -39.21 16.75
N ILE A 169 -15.67 -39.27 17.34
CA ILE A 169 -16.75 -40.11 16.84
C ILE A 169 -17.79 -39.26 16.13
N VAL A 170 -18.18 -39.66 14.92
CA VAL A 170 -19.16 -38.92 14.14
C VAL A 170 -20.25 -39.84 13.60
N TRP A 171 -21.51 -39.46 13.79
CA TRP A 171 -22.65 -40.19 13.24
C TRP A 171 -23.61 -39.22 12.58
N GLY A 172 -24.57 -39.75 11.82
CA GLY A 172 -25.51 -38.88 11.13
C GLY A 172 -26.96 -39.31 11.27
N ILE A 173 -27.85 -38.32 11.33
CA ILE A 173 -29.28 -38.58 11.28
C ILE A 173 -29.80 -38.18 9.89
N HIS A 174 -30.58 -39.06 9.25
CA HIS A 174 -31.12 -38.74 7.93
C HIS A 174 -32.55 -38.22 8.01
N HIS A 175 -32.79 -37.10 7.33
CA HIS A 175 -34.12 -36.51 7.28
C HIS A 175 -34.72 -36.62 5.88
N SER A 176 -35.62 -37.58 5.71
CA SER A 176 -36.26 -37.86 4.42
C SER A 176 -37.18 -36.74 3.95
N VAL A 177 -37.42 -36.67 2.65
CA VAL A 177 -38.27 -35.64 2.07
C VAL A 177 -39.72 -35.79 2.55
N SER A 178 -40.10 -37.04 2.87
CA SER A 178 -41.45 -37.34 3.32
C SER A 178 -41.46 -38.56 4.22
N THR A 179 -42.54 -38.72 5.00
CA THR A 179 -42.71 -39.91 5.83
C THR A 179 -42.87 -41.12 4.93
N ALA A 180 -43.41 -40.86 3.73
CA ALA A 180 -43.52 -41.88 2.69
C ALA A 180 -42.12 -42.40 2.31
N GLU A 181 -41.17 -41.48 2.18
CA GLU A 181 -39.80 -41.87 1.85
C GLU A 181 -39.08 -42.51 3.04
N GLN A 182 -39.30 -41.96 4.23
CA GLN A 182 -38.73 -42.54 5.45
C GLN A 182 -39.21 -43.98 5.67
N THR A 183 -40.47 -44.22 5.35
CA THR A 183 -41.06 -45.55 5.45
C THR A 183 -40.46 -46.51 4.42
N LYS A 184 -40.32 -46.03 3.20
CA LYS A 184 -39.72 -46.80 2.12
C LYS A 184 -38.31 -47.27 2.46
N LEU A 185 -37.60 -46.46 3.24
CA LEU A 185 -36.20 -46.74 3.56
C LEU A 185 -36.02 -47.57 4.84
N TYR A 186 -36.75 -47.22 5.89
CA TYR A 186 -36.52 -47.80 7.21
C TYR A 186 -37.77 -48.43 7.84
N GLY A 187 -38.86 -48.48 7.07
CA GLY A 187 -40.11 -49.03 7.58
C GLY A 187 -40.93 -48.00 8.36
N SER A 188 -42.14 -48.39 8.74
CA SER A 188 -43.07 -47.49 9.43
C SER A 188 -42.69 -47.22 10.88
N GLY A 189 -43.49 -46.42 11.56
CA GLY A 189 -43.32 -46.16 12.97
C GLY A 189 -42.30 -45.08 13.29
N ASN A 190 -42.41 -44.52 14.49
CA ASN A 190 -41.45 -43.53 14.97
C ASN A 190 -40.06 -44.12 15.10
N LYS A 191 -39.05 -43.32 14.78
CA LYS A 191 -37.66 -43.77 14.80
C LYS A 191 -36.85 -43.01 15.85
N LEU A 192 -36.07 -43.73 16.64
CA LEU A 192 -35.24 -43.12 17.68
C LEU A 192 -33.80 -43.61 17.58
N VAL A 193 -32.86 -42.67 17.68
CA VAL A 193 -31.45 -43.01 17.81
C VAL A 193 -30.91 -42.47 19.14
N THR A 194 -30.35 -43.34 19.97
CA THR A 194 -29.77 -42.93 21.24
C THR A 194 -28.25 -43.11 21.21
N VAL A 195 -27.53 -42.18 21.82
CA VAL A 195 -26.07 -42.27 21.88
C VAL A 195 -25.57 -42.10 23.31
N GLY A 196 -24.94 -43.15 23.84
CA GLY A 196 -24.49 -43.13 25.23
C GLY A 196 -23.00 -43.26 25.42
N SER A 197 -22.45 -42.42 26.30
CA SER A 197 -21.06 -42.49 26.70
C SER A 197 -20.96 -42.49 28.22
N SER A 198 -19.83 -42.01 28.76
CA SER A 198 -19.64 -41.95 30.21
C SER A 198 -19.46 -40.51 30.68
N ASN A 199 -19.82 -39.57 29.82
CA ASN A 199 -19.79 -38.15 30.13
C ASN A 199 -20.66 -37.42 29.09
N TYR A 200 -21.40 -38.22 28.33
CA TYR A 200 -22.25 -37.72 27.26
C TYR A 200 -23.52 -38.54 27.19
N GLN A 201 -24.63 -37.87 26.95
CA GLN A 201 -25.92 -38.52 26.76
C GLN A 201 -26.83 -37.61 25.95
N GLN A 202 -27.25 -38.10 24.78
CA GLN A 202 -28.10 -37.33 23.90
C GLN A 202 -29.16 -38.25 23.29
N SER A 203 -30.04 -37.67 22.48
CA SER A 203 -31.07 -38.44 21.82
C SER A 203 -31.45 -37.76 20.51
N PHE A 204 -31.87 -38.55 19.52
CA PHE A 204 -32.07 -38.01 18.18
C PHE A 204 -33.29 -38.62 17.47
N VAL A 205 -34.05 -37.78 16.78
CA VAL A 205 -35.23 -38.20 16.04
C VAL A 205 -35.18 -37.59 14.65
N PRO A 206 -35.53 -38.36 13.61
CA PRO A 206 -35.58 -37.80 12.26
C PRO A 206 -36.75 -36.85 12.11
N SER A 207 -36.59 -35.86 11.24
CA SER A 207 -37.63 -34.86 11.00
C SER A 207 -37.98 -34.84 9.53
N PRO A 208 -38.74 -35.83 9.06
CA PRO A 208 -39.08 -35.90 7.64
C PRO A 208 -40.01 -34.78 7.23
N GLY A 209 -39.72 -34.14 6.10
CA GLY A 209 -40.50 -33.01 5.62
C GLY A 209 -39.92 -32.41 4.36
N ALA A 210 -40.74 -31.70 3.60
CA ALA A 210 -40.28 -31.08 2.36
C ALA A 210 -39.27 -29.97 2.65
N ARG A 211 -38.20 -29.93 1.85
CA ARG A 211 -37.18 -28.89 1.97
C ARG A 211 -36.74 -28.51 0.56
N PRO A 212 -36.13 -27.32 0.40
CA PRO A 212 -35.61 -26.94 -0.91
C PRO A 212 -34.59 -27.95 -1.43
N GLN A 213 -34.52 -28.10 -2.75
CA GLN A 213 -33.58 -29.04 -3.36
C GLN A 213 -32.15 -28.48 -3.38
N VAL A 214 -31.25 -29.11 -2.65
CA VAL A 214 -29.83 -28.84 -2.75
C VAL A 214 -29.19 -30.01 -3.48
N ASN A 215 -28.46 -29.72 -4.56
CA ASN A 215 -27.90 -30.74 -5.44
C ASN A 215 -28.99 -31.68 -5.99
N GLY A 216 -30.19 -31.14 -6.15
CA GLY A 216 -31.31 -31.91 -6.66
C GLY A 216 -32.02 -32.70 -5.58
N LEU A 217 -31.52 -32.61 -4.36
CA LEU A 217 -32.05 -33.42 -3.26
C LEU A 217 -32.71 -32.59 -2.16
N SER A 218 -33.85 -33.07 -1.66
CA SER A 218 -34.57 -32.38 -0.60
C SER A 218 -34.37 -33.08 0.75
N GLY A 219 -33.53 -34.09 0.77
CA GLY A 219 -33.19 -34.77 2.02
C GLY A 219 -31.98 -34.16 2.68
N ARG A 220 -31.92 -34.25 4.00
CA ARG A 220 -30.78 -33.73 4.74
C ARG A 220 -30.16 -34.77 5.67
N ILE A 221 -28.83 -34.83 5.66
CA ILE A 221 -28.09 -35.60 6.66
C ILE A 221 -27.31 -34.63 7.54
N ASP A 222 -27.77 -34.45 8.78
CA ASP A 222 -27.04 -33.62 9.74
C ASP A 222 -26.15 -34.46 10.63
N PHE A 223 -24.89 -34.06 10.74
CA PHE A 223 -23.91 -34.84 11.48
C PHE A 223 -23.74 -34.38 12.92
N HIS A 224 -23.37 -35.32 13.78
CA HIS A 224 -23.16 -35.04 15.19
C HIS A 224 -21.85 -35.69 15.62
N TRP A 225 -21.19 -35.12 16.61
CA TRP A 225 -19.89 -35.63 17.02
C TRP A 225 -19.70 -35.53 18.53
N LEU A 226 -18.83 -36.39 19.06
CA LEU A 226 -18.41 -36.31 20.45
C LEU A 226 -16.97 -36.76 20.52
N MET A 227 -16.32 -36.51 21.65
CA MET A 227 -14.98 -37.01 21.87
C MET A 227 -15.06 -38.13 22.91
N LEU A 228 -14.59 -39.32 22.53
CA LEU A 228 -14.61 -40.47 23.43
C LEU A 228 -13.33 -40.53 24.23
N ASN A 229 -13.46 -40.46 25.56
CA ASN A 229 -12.31 -40.57 26.44
C ASN A 229 -11.65 -41.94 26.31
N PRO A 230 -10.33 -42.02 26.54
CA PRO A 230 -9.59 -43.29 26.54
C PRO A 230 -10.26 -44.35 27.42
N ASN A 231 -10.34 -45.58 26.91
CA ASN A 231 -10.95 -46.71 27.62
C ASN A 231 -12.47 -46.57 27.85
N ASP A 232 -13.05 -45.45 27.46
CA ASP A 232 -14.50 -45.29 27.53
C ASP A 232 -15.13 -45.86 26.26
N THR A 233 -16.44 -46.08 26.29
CA THR A 233 -17.15 -46.73 25.20
C THR A 233 -18.35 -45.89 24.77
N VAL A 234 -18.66 -45.90 23.47
CA VAL A 234 -19.92 -45.34 22.98
C VAL A 234 -20.86 -46.46 22.56
N THR A 235 -22.17 -46.21 22.69
CA THR A 235 -23.16 -47.21 22.29
C THR A 235 -24.25 -46.58 21.42
N PHE A 236 -24.55 -47.21 20.30
CA PHE A 236 -25.55 -46.71 19.37
C PHE A 236 -26.78 -47.61 19.31
N SER A 237 -27.86 -47.21 19.98
CA SER A 237 -29.13 -47.90 19.85
C SER A 237 -30.00 -47.13 18.87
N PHE A 238 -30.56 -47.85 17.89
CA PHE A 238 -31.30 -47.22 16.81
C PHE A 238 -32.21 -48.22 16.10
N ASN A 239 -33.10 -47.70 15.25
CA ASN A 239 -34.01 -48.54 14.50
C ASN A 239 -34.31 -47.98 13.11
N GLY A 240 -33.38 -47.17 12.60
CA GLY A 240 -33.51 -46.59 11.28
C GLY A 240 -33.09 -45.13 11.22
N ALA A 241 -33.04 -44.57 10.01
CA ALA A 241 -32.63 -43.19 9.79
C ALA A 241 -31.30 -42.84 10.44
N PHE A 242 -30.39 -43.82 10.52
CA PHE A 242 -29.11 -43.64 11.18
C PHE A 242 -27.95 -43.76 10.20
N ILE A 243 -27.06 -42.77 10.22
CA ILE A 243 -25.85 -42.82 9.41
C ILE A 243 -24.68 -43.25 10.29
N ALA A 244 -24.34 -44.54 10.24
CA ALA A 244 -23.32 -45.13 11.09
C ALA A 244 -21.92 -44.82 10.59
N PRO A 245 -20.99 -44.60 11.53
CA PRO A 245 -19.58 -44.44 11.19
C PRO A 245 -18.92 -45.78 10.95
N ASP A 246 -17.86 -45.81 10.15
CA ASP A 246 -17.11 -47.02 9.93
C ASP A 246 -15.78 -46.93 10.67
N ARG A 247 -15.26 -45.71 10.77
CA ARG A 247 -13.98 -45.48 11.42
C ARG A 247 -14.04 -44.30 12.40
N ALA A 248 -13.14 -44.31 13.37
CA ALA A 248 -13.02 -43.20 14.32
C ALA A 248 -11.77 -42.39 13.96
N SER A 249 -11.70 -41.16 14.46
CA SER A 249 -10.55 -40.30 14.18
C SER A 249 -9.72 -40.04 15.43
N PHE A 250 -8.40 -39.97 15.25
CA PHE A 250 -7.50 -39.61 16.34
C PHE A 250 -6.59 -38.46 15.92
N LEU A 251 -6.44 -37.47 16.78
CA LEU A 251 -5.66 -36.28 16.46
C LEU A 251 -4.17 -36.62 16.46
N ARG A 252 -3.46 -36.19 15.43
CA ARG A 252 -2.05 -36.54 15.26
C ARG A 252 -1.13 -35.76 16.19
N GLY A 253 -1.41 -34.48 16.39
CA GLY A 253 -0.60 -33.66 17.27
C GLY A 253 -0.97 -32.19 17.31
N LYS A 254 -0.12 -31.36 16.73
CA LYS A 254 -0.27 -29.91 16.79
C LYS A 254 -0.15 -29.27 15.42
N SER A 255 -1.05 -28.34 15.11
CA SER A 255 -0.97 -27.58 13.86
C SER A 255 -1.67 -26.23 13.99
N MET A 256 -1.78 -25.52 12.88
CA MET A 256 -2.48 -24.24 12.84
C MET A 256 -3.29 -24.16 11.57
N GLY A 257 -4.54 -23.72 11.69
CA GLY A 257 -5.42 -23.63 10.54
C GLY A 257 -5.70 -22.20 10.16
N ILE A 258 -5.74 -21.93 8.85
CA ILE A 258 -6.12 -20.61 8.36
C ILE A 258 -7.12 -20.71 7.23
N GLN A 259 -7.81 -19.62 6.96
CA GLN A 259 -8.64 -19.51 5.77
C GLN A 259 -7.98 -18.48 4.87
N SER A 260 -7.87 -18.78 3.58
CA SER A 260 -7.19 -17.88 2.66
C SER A 260 -7.71 -18.03 1.24
N GLY A 261 -7.46 -17.03 0.41
CA GLY A 261 -7.83 -17.07 -0.98
C GLY A 261 -6.66 -16.71 -1.87
N VAL A 262 -5.45 -16.94 -1.36
CA VAL A 262 -4.23 -16.70 -2.13
C VAL A 262 -3.36 -17.94 -2.20
N GLN A 263 -2.48 -18.00 -3.19
CA GLN A 263 -1.64 -19.18 -3.44
C GLN A 263 -0.65 -19.45 -2.30
N VAL A 264 -0.08 -20.64 -2.32
CA VAL A 264 0.93 -21.05 -1.34
C VAL A 264 2.31 -20.84 -1.94
N ASP A 265 3.31 -20.58 -1.08
CA ASP A 265 4.70 -20.49 -1.52
C ASP A 265 5.59 -21.26 -0.55
N ALA A 266 6.39 -22.19 -1.07
CA ALA A 266 7.21 -23.07 -0.24
C ALA A 266 8.62 -22.53 -0.03
N ASN A 267 8.91 -21.38 -0.62
CA ASN A 267 10.23 -20.76 -0.49
C ASN A 267 10.27 -19.73 0.64
N CYS A 268 9.22 -18.93 0.74
CA CYS A 268 9.11 -17.92 1.80
C CYS A 268 8.80 -18.57 3.15
N GLU A 269 9.37 -18.00 4.21
CA GLU A 269 9.16 -18.51 5.57
C GLU A 269 8.44 -17.49 6.43
N GLY A 270 7.23 -17.83 6.87
CA GLY A 270 6.42 -16.92 7.68
C GLY A 270 5.83 -17.57 8.91
N ASP A 271 5.16 -16.76 9.74
CA ASP A 271 4.57 -17.24 10.99
C ASP A 271 3.33 -16.45 11.40
N CYS A 272 2.96 -15.46 10.59
CA CYS A 272 1.74 -14.69 10.81
C CYS A 272 0.93 -14.62 9.53
N TYR A 273 -0.30 -15.13 9.59
CA TYR A 273 -1.12 -15.23 8.38
C TYR A 273 -2.48 -14.53 8.51
N HIS A 274 -3.02 -14.13 7.37
CA HIS A 274 -4.41 -13.71 7.25
C HIS A 274 -4.92 -14.22 5.91
N SER A 275 -6.20 -14.02 5.63
CA SER A 275 -6.79 -14.56 4.40
C SER A 275 -6.14 -14.02 3.13
N GLY A 276 -5.51 -12.84 3.24
CA GLY A 276 -4.92 -12.20 2.08
C GLY A 276 -3.43 -12.44 1.89
N GLY A 277 -2.81 -13.18 2.80
CA GLY A 277 -1.41 -13.51 2.66
C GLY A 277 -0.63 -13.65 3.96
N THR A 278 0.66 -13.36 3.89
CA THR A 278 1.55 -13.52 5.04
C THR A 278 2.18 -12.18 5.44
N ILE A 279 2.27 -11.93 6.75
CA ILE A 279 2.93 -10.74 7.27
C ILE A 279 4.27 -11.09 7.90
N ILE A 280 5.35 -10.69 7.23
CA ILE A 280 6.70 -10.88 7.76
C ILE A 280 7.27 -9.52 8.15
N SER A 281 7.48 -9.33 9.44
CA SER A 281 7.88 -8.02 9.95
C SER A 281 8.46 -8.11 11.35
N ASN A 282 9.41 -7.21 11.64
CA ASN A 282 9.94 -7.08 12.99
C ASN A 282 9.27 -5.92 13.71
N LEU A 283 8.39 -5.23 12.99
CA LEU A 283 7.65 -4.10 13.55
C LEU A 283 6.67 -4.60 14.62
N PRO A 284 6.47 -3.80 15.67
CA PRO A 284 5.61 -4.19 16.79
C PRO A 284 4.12 -4.18 16.41
N PHE A 285 3.76 -3.36 15.43
CA PHE A 285 2.35 -3.21 15.06
C PHE A 285 2.09 -3.46 13.59
N GLN A 286 0.82 -3.69 13.24
CA GLN A 286 0.39 -3.90 11.86
C GLN A 286 -1.01 -3.36 11.64
N ASN A 287 -1.31 -2.96 10.41
CA ASN A 287 -2.59 -2.35 10.06
C ASN A 287 -3.15 -3.06 8.83
N ILE A 288 -2.91 -4.36 8.75
CA ILE A 288 -3.32 -5.15 7.60
C ILE A 288 -4.63 -5.90 7.87
N ASP A 289 -4.65 -6.73 8.92
CA ASP A 289 -5.83 -7.52 9.25
C ASP A 289 -5.95 -7.78 10.75
N SER A 290 -7.07 -7.37 11.33
CA SER A 290 -7.33 -7.54 12.75
C SER A 290 -7.44 -9.00 13.14
N ARG A 291 -7.87 -9.84 12.19
CA ARG A 291 -8.05 -11.26 12.45
C ARG A 291 -6.83 -12.12 12.09
N ALA A 292 -5.73 -11.47 11.73
CA ALA A 292 -4.48 -12.19 11.44
C ALA A 292 -4.11 -13.18 12.55
N VAL A 293 -3.60 -14.35 12.17
CA VAL A 293 -3.28 -15.41 13.14
C VAL A 293 -1.87 -15.96 13.04
N GLY A 294 -1.47 -16.72 14.06
CA GLY A 294 -0.09 -17.18 14.18
C GLY A 294 0.62 -16.36 15.23
N LYS A 295 1.89 -16.06 14.98
CA LYS A 295 2.63 -15.13 15.83
C LYS A 295 2.77 -13.80 15.10
N CYS A 296 1.96 -12.83 15.51
CA CYS A 296 1.84 -11.58 14.76
C CYS A 296 2.10 -10.37 15.63
N PRO A 297 2.49 -9.24 15.01
CA PRO A 297 2.49 -7.96 15.71
C PRO A 297 1.06 -7.54 16.05
N ARG A 298 0.89 -6.64 17.02
CA ARG A 298 -0.45 -6.22 17.43
C ARG A 298 -1.15 -5.43 16.34
N TYR A 299 -2.45 -5.66 16.15
CA TYR A 299 -3.19 -4.86 15.17
C TYR A 299 -3.58 -3.49 15.71
N VAL A 300 -3.40 -2.46 14.89
CA VAL A 300 -3.79 -1.09 15.25
C VAL A 300 -4.64 -0.42 14.18
N LYS A 301 -5.36 0.63 14.57
CA LYS A 301 -6.21 1.39 13.66
C LYS A 301 -5.38 2.25 12.72
N GLN A 302 -4.32 2.83 13.25
CA GLN A 302 -3.49 3.75 12.49
C GLN A 302 -2.71 3.03 11.40
N ARG A 303 -2.50 3.71 10.27
CA ARG A 303 -1.72 3.14 9.18
C ARG A 303 -0.23 3.45 9.36
N SER A 304 0.06 4.50 10.12
CA SER A 304 1.44 4.94 10.30
C SER A 304 1.70 5.58 11.66
N LEU A 305 2.80 5.18 12.28
CA LEU A 305 3.27 5.78 13.52
C LEU A 305 4.79 5.88 13.48
N LEU A 306 5.30 7.05 13.09
CA LEU A 306 6.74 7.24 12.93
C LEU A 306 7.47 7.36 14.27
N LEU A 307 8.52 6.55 14.44
CA LEU A 307 9.36 6.62 15.63
C LEU A 307 10.63 7.39 15.30
N ALA A 308 10.87 8.46 16.04
CA ALA A 308 12.08 9.26 15.83
C ALA A 308 13.33 8.44 16.09
N THR A 309 14.25 8.46 15.14
CA THR A 309 15.53 7.77 15.27
C THR A 309 16.68 8.77 15.15
N GLY A 310 16.33 10.04 15.33
CA GLY A 310 17.30 11.12 15.24
C GLY A 310 16.82 12.30 16.05
N MET A 311 17.71 13.27 16.26
CA MET A 311 17.38 14.45 17.06
C MET A 311 16.40 15.36 16.34
N LYS A 312 15.94 16.37 17.05
CA LYS A 312 15.10 17.41 16.46
C LYS A 312 15.87 18.07 15.33
N ASN A 313 15.21 18.32 14.20
CA ASN A 313 15.89 18.98 13.08
C ASN A 313 15.72 20.50 13.12
N VAL A 314 16.84 21.19 13.32
CA VAL A 314 16.83 22.65 13.42
C VAL A 314 17.63 23.21 12.25
N PRO A 315 16.95 23.91 11.34
CA PRO A 315 17.62 24.40 10.11
C PRO A 315 18.73 25.38 10.43
N GLU A 316 19.77 25.39 9.61
CA GLU A 316 20.88 26.33 9.80
C GLU A 316 20.42 27.72 9.37
N ILE A 317 20.86 28.74 10.12
CA ILE A 317 20.56 30.12 9.74
C ILE A 317 21.46 30.52 8.57
N PRO A 318 20.86 30.82 7.41
CA PRO A 318 21.61 31.13 6.19
C PRO A 318 22.21 32.53 6.21
N GLY B 1 30.92 37.09 8.19
CA GLY B 1 31.55 35.79 8.09
C GLY B 1 31.83 35.17 9.44
N ALA B 2 30.86 35.23 10.34
CA ALA B 2 30.99 34.66 11.67
C ALA B 2 30.50 33.22 11.70
N ILE B 3 30.73 32.53 12.81
CA ILE B 3 30.22 31.17 13.01
C ILE B 3 29.36 31.11 14.26
N ALA B 4 28.48 30.12 14.32
CA ALA B 4 27.56 29.97 15.45
C ALA B 4 27.29 28.48 15.72
N GLY B 5 27.12 28.13 16.98
CA GLY B 5 26.83 26.76 17.34
C GLY B 5 25.35 26.53 17.58
N PHE B 6 24.99 25.50 18.33
CA PHE B 6 23.59 25.25 18.70
C PHE B 6 23.03 26.44 19.45
N ILE B 7 21.71 26.46 19.66
CA ILE B 7 20.92 27.65 20.02
C ILE B 7 20.55 28.39 18.74
N GLU B 8 19.33 28.16 18.27
CA GLU B 8 18.87 28.66 16.98
C GLU B 8 19.81 28.31 15.82
N ASN B 9 19.85 27.01 15.50
CA ASN B 9 20.40 26.40 14.25
C ASN B 9 21.24 25.13 14.44
N GLY B 10 21.13 24.23 13.47
CA GLY B 10 22.01 23.08 13.39
C GLY B 10 22.99 23.29 12.24
N TRP B 11 23.83 22.30 11.97
CA TRP B 11 24.80 22.39 10.89
C TRP B 11 24.52 21.34 9.82
N GLU B 12 24.08 21.77 8.65
CA GLU B 12 23.79 20.85 7.55
C GLU B 12 25.08 20.33 6.91
N GLY B 13 26.19 20.98 7.24
CA GLY B 13 27.48 20.58 6.72
C GLY B 13 28.15 19.49 7.55
N LEU B 14 27.69 19.33 8.79
CA LEU B 14 28.18 18.27 9.64
C LEU B 14 27.55 16.95 9.17
N ILE B 15 28.31 16.18 8.40
CA ILE B 15 27.77 14.99 7.74
C ILE B 15 28.46 13.68 8.14
N ASP B 16 29.39 13.75 9.08
CA ASP B 16 30.12 12.57 9.54
C ASP B 16 29.92 12.32 11.04
N GLY B 17 28.92 13.00 11.60
CA GLY B 17 28.61 12.86 13.01
C GLY B 17 27.33 13.59 13.38
N TRP B 18 26.90 13.41 14.63
CA TRP B 18 25.70 14.06 15.14
C TRP B 18 26.05 15.34 15.86
N TYR B 19 27.11 15.28 16.66
CA TYR B 19 27.61 16.45 17.35
C TYR B 19 29.03 16.73 16.90
N GLY B 20 29.45 17.98 16.95
CA GLY B 20 30.77 18.32 16.47
C GLY B 20 31.30 19.68 16.88
N PHE B 21 32.52 19.96 16.43
CA PHE B 21 33.19 21.21 16.73
C PHE B 21 33.34 22.04 15.47
N ARG B 22 33.19 23.35 15.59
CA ARG B 22 33.49 24.27 14.51
C ARG B 22 34.27 25.46 15.05
N HIS B 23 35.43 25.71 14.46
CA HIS B 23 36.32 26.74 14.97
C HIS B 23 36.73 27.72 13.89
N GLN B 24 37.29 28.85 14.31
CA GLN B 24 38.00 29.71 13.38
C GLN B 24 39.22 30.35 14.06
N ASN B 25 40.37 30.19 13.44
CA ASN B 25 41.60 30.81 13.90
C ASN B 25 42.31 31.46 12.72
N ALA B 26 43.58 31.80 12.90
CA ALA B 26 44.37 32.40 11.82
C ALA B 26 44.49 31.44 10.65
N GLN B 27 44.49 30.14 10.95
CA GLN B 27 44.60 29.11 9.92
C GLN B 27 43.29 28.92 9.17
N GLY B 28 42.25 29.62 9.60
CA GLY B 28 40.97 29.57 8.92
C GLY B 28 39.88 28.88 9.73
N GLU B 29 38.85 28.43 9.03
CA GLU B 29 37.71 27.78 9.66
C GLU B 29 37.77 26.27 9.47
N GLY B 30 37.32 25.52 10.48
CA GLY B 30 37.31 24.07 10.42
C GLY B 30 36.15 23.47 11.18
N THR B 31 35.70 22.30 10.76
CA THR B 31 34.60 21.61 11.42
C THR B 31 34.90 20.11 11.56
N ALA B 32 34.83 19.61 12.79
CA ALA B 32 35.06 18.20 13.06
C ALA B 32 33.95 17.65 13.95
N ALA B 33 33.69 16.35 13.84
CA ALA B 33 32.65 15.72 14.65
C ALA B 33 33.24 15.10 15.92
N ASP B 34 32.46 15.11 17.00
CA ASP B 34 32.86 14.44 18.23
C ASP B 34 32.31 13.01 18.24
N TYR B 35 33.19 12.04 18.43
CA TYR B 35 32.80 10.63 18.38
C TYR B 35 31.98 10.18 19.59
N LYS B 36 32.52 10.41 20.78
CA LYS B 36 31.95 9.90 22.02
C LYS B 36 30.46 10.27 22.22
N SER B 37 30.14 11.54 22.07
CA SER B 37 28.77 12.01 22.24
C SER B 37 27.86 11.50 21.13
N THR B 38 28.39 11.40 19.92
CA THR B 38 27.65 10.88 18.77
C THR B 38 27.27 9.42 18.99
N GLN B 39 28.24 8.60 19.38
CA GLN B 39 28.01 7.17 19.57
C GLN B 39 27.06 6.90 20.74
N SER B 40 27.23 7.65 21.82
CA SER B 40 26.37 7.55 23.00
C SER B 40 24.90 7.74 22.61
N ALA B 41 24.65 8.77 21.81
CA ALA B 41 23.29 9.04 21.33
C ALA B 41 22.78 7.93 20.42
N ILE B 42 23.63 7.49 19.50
CA ILE B 42 23.29 6.37 18.62
C ILE B 42 23.02 5.08 19.41
N ASP B 43 23.84 4.81 20.42
CA ASP B 43 23.65 3.63 21.27
C ASP B 43 22.28 3.65 21.97
N GLN B 44 21.86 4.83 22.43
CA GLN B 44 20.59 4.96 23.13
C GLN B 44 19.37 4.80 22.20
N ILE B 45 19.46 5.37 21.00
CA ILE B 45 18.37 5.27 20.02
C ILE B 45 18.20 3.82 19.53
N THR B 46 19.28 3.19 19.10
CA THR B 46 19.23 1.80 18.66
C THR B 46 18.79 0.90 19.82
N GLY B 47 19.11 1.33 21.04
CA GLY B 47 18.68 0.62 22.24
C GLY B 47 17.17 0.55 22.32
N LYS B 48 16.51 1.66 22.01
CA LYS B 48 15.05 1.71 21.94
C LYS B 48 14.54 0.80 20.83
N LEU B 49 15.23 0.83 19.70
CA LEU B 49 14.84 0.06 18.53
C LEU B 49 14.80 -1.44 18.83
N ASN B 50 15.90 -1.95 19.39
CA ASN B 50 15.97 -3.36 19.75
C ASN B 50 14.87 -3.75 20.73
N ARG B 51 14.56 -2.84 21.65
CA ARG B 51 13.50 -3.05 22.63
C ARG B 51 12.13 -3.19 21.97
N LEU B 52 11.90 -2.44 20.90
CA LEU B 52 10.62 -2.47 20.20
C LEU B 52 10.56 -3.60 19.18
N ILE B 53 11.68 -4.31 19.03
CA ILE B 53 11.78 -5.42 18.10
C ILE B 53 11.50 -6.75 18.82
N GLU B 54 11.63 -6.72 20.14
CA GLU B 54 11.37 -7.88 20.99
C GLU B 54 10.01 -8.50 20.71
N LYS B 55 10.02 -9.55 19.89
CA LYS B 55 8.80 -10.22 19.47
C LYS B 55 8.12 -10.98 20.61
N THR B 56 6.87 -11.36 20.38
CA THR B 56 6.10 -12.12 21.35
C THR B 56 6.06 -13.59 20.96
N ASN B 57 5.94 -14.46 21.96
CA ASN B 57 5.77 -15.89 21.70
C ASN B 57 4.32 -16.31 21.88
N GLN B 58 3.42 -15.33 22.00
CA GLN B 58 2.00 -15.63 22.10
C GLN B 58 1.40 -15.94 20.75
N GLN B 59 0.92 -17.15 20.60
CA GLN B 59 0.27 -17.59 19.37
C GLN B 59 -1.24 -17.44 19.52
N PHE B 60 -1.90 -16.95 18.48
CA PHE B 60 -3.35 -16.86 18.50
C PHE B 60 -3.96 -17.61 17.32
N GLU B 61 -5.07 -18.30 17.57
CA GLU B 61 -5.75 -19.05 16.52
C GLU B 61 -7.12 -18.44 16.20
N LEU B 62 -7.69 -18.87 15.08
CA LEU B 62 -9.02 -18.44 14.65
C LEU B 62 -10.06 -18.66 15.75
N ILE B 63 -10.91 -17.66 15.96
CA ILE B 63 -11.96 -17.75 16.95
C ILE B 63 -13.33 -17.61 16.27
N ASP B 64 -13.30 -17.12 15.04
CA ASP B 64 -14.50 -17.08 14.19
C ASP B 64 -14.18 -17.51 12.75
N ASN B 65 -15.10 -17.25 11.84
CA ASN B 65 -15.03 -17.80 10.49
C ASN B 65 -15.49 -16.74 9.48
N GLU B 66 -14.70 -16.52 8.42
CA GLU B 66 -15.05 -15.51 7.43
C GLU B 66 -15.63 -16.11 6.15
N PHE B 67 -15.79 -17.43 6.13
CA PHE B 67 -16.50 -18.11 5.05
C PHE B 67 -17.92 -18.41 5.50
N ASN B 68 -18.03 -19.04 6.66
CA ASN B 68 -19.33 -19.36 7.24
C ASN B 68 -19.49 -18.71 8.60
N GLU B 69 -20.19 -17.57 8.61
CA GLU B 69 -20.34 -16.75 9.81
C GLU B 69 -20.87 -17.54 11.00
N VAL B 70 -20.29 -17.32 12.18
CA VAL B 70 -20.73 -17.98 13.40
C VAL B 70 -22.05 -17.40 13.87
N GLU B 71 -22.61 -17.99 14.92
CA GLU B 71 -23.89 -17.55 15.47
C GLU B 71 -23.81 -16.08 15.91
N LYS B 72 -24.94 -15.37 15.78
CA LYS B 72 -24.97 -13.92 16.00
C LYS B 72 -24.53 -13.49 17.39
N GLN B 73 -25.10 -14.11 18.41
CA GLN B 73 -24.82 -13.72 19.79
C GLN B 73 -23.33 -13.86 20.12
N ILE B 74 -22.80 -15.06 19.97
CA ILE B 74 -21.38 -15.29 20.25
C ILE B 74 -20.50 -14.52 19.25
N GLY B 75 -21.00 -14.34 18.03
CA GLY B 75 -20.28 -13.57 17.03
C GLY B 75 -20.14 -12.10 17.37
N ASN B 76 -21.22 -11.50 17.87
CA ASN B 76 -21.17 -10.11 18.32
C ASN B 76 -20.34 -9.92 19.58
N VAL B 77 -20.34 -10.91 20.47
CA VAL B 77 -19.50 -10.88 21.66
C VAL B 77 -18.02 -10.86 21.27
N ILE B 78 -17.67 -11.70 20.30
CA ILE B 78 -16.32 -11.76 19.77
C ILE B 78 -15.88 -10.43 19.12
N ASN B 79 -16.70 -9.90 18.20
CA ASN B 79 -16.39 -8.63 17.56
C ASN B 79 -16.26 -7.49 18.58
N TRP B 80 -17.11 -7.51 19.59
CA TRP B 80 -17.07 -6.52 20.66
C TRP B 80 -15.78 -6.61 21.47
N THR B 81 -15.32 -7.83 21.73
CA THR B 81 -14.08 -8.05 22.47
C THR B 81 -12.85 -7.63 21.64
N ARG B 82 -12.81 -8.06 20.38
CA ARG B 82 -11.69 -7.73 19.50
C ARG B 82 -11.58 -6.22 19.27
N ASP B 83 -12.70 -5.58 18.99
CA ASP B 83 -12.71 -4.14 18.78
C ASP B 83 -12.23 -3.40 20.04
N SER B 84 -12.66 -3.88 21.20
CA SER B 84 -12.25 -3.28 22.47
C SER B 84 -10.75 -3.40 22.67
N ILE B 85 -10.22 -4.59 22.39
CA ILE B 85 -8.78 -4.85 22.46
C ILE B 85 -8.00 -4.01 21.45
N THR B 86 -8.50 -3.93 20.23
CA THR B 86 -7.90 -3.10 19.18
C THR B 86 -7.80 -1.63 19.61
N GLU B 87 -8.86 -1.13 20.23
CA GLU B 87 -8.84 0.21 20.79
C GLU B 87 -7.72 0.38 21.80
N VAL B 88 -7.46 -0.67 22.58
CA VAL B 88 -6.43 -0.65 23.61
C VAL B 88 -5.01 -0.60 23.01
N TRP B 89 -4.75 -1.48 22.04
CA TRP B 89 -3.43 -1.49 21.40
C TRP B 89 -3.16 -0.24 20.56
N SER B 90 -4.18 0.26 19.88
CA SER B 90 -4.06 1.50 19.13
C SER B 90 -3.66 2.66 20.06
N TYR B 91 -4.28 2.68 21.24
CA TYR B 91 -3.94 3.68 22.26
C TYR B 91 -2.51 3.51 22.74
N ASN B 92 -2.16 2.28 23.11
CA ASN B 92 -0.81 1.97 23.57
C ASN B 92 0.26 2.37 22.56
N ALA B 93 0.06 1.99 21.30
CA ALA B 93 0.98 2.32 20.22
C ALA B 93 1.16 3.83 20.06
N GLU B 94 0.04 4.55 20.06
CA GLU B 94 0.06 6.00 19.93
C GLU B 94 0.85 6.63 21.07
N LEU B 95 0.58 6.16 22.30
CA LEU B 95 1.22 6.70 23.49
C LEU B 95 2.70 6.32 23.54
N LEU B 96 3.00 5.05 23.25
CA LEU B 96 4.37 4.55 23.26
C LEU B 96 5.28 5.38 22.37
N VAL B 97 4.88 5.54 21.10
CA VAL B 97 5.66 6.30 20.13
C VAL B 97 5.79 7.78 20.53
N ALA B 98 4.70 8.37 20.99
CA ALA B 98 4.71 9.76 21.41
C ALA B 98 5.64 9.96 22.60
N MET B 99 5.58 9.03 23.55
CA MET B 99 6.40 9.08 24.74
C MET B 99 7.88 8.85 24.39
N GLU B 100 8.15 7.84 23.57
CA GLU B 100 9.52 7.56 23.13
C GLU B 100 10.13 8.76 22.41
N ASN B 101 9.41 9.29 21.43
CA ASN B 101 9.89 10.41 20.63
C ASN B 101 10.22 11.66 21.46
N GLN B 102 9.40 11.93 22.46
CA GLN B 102 9.64 13.03 23.38
C GLN B 102 10.96 12.81 24.11
N HIS B 103 11.22 11.55 24.47
CA HIS B 103 12.44 11.22 25.19
C HIS B 103 13.68 11.19 24.29
N THR B 104 13.50 10.68 23.07
CA THR B 104 14.58 10.64 22.09
C THR B 104 15.10 12.05 21.80
N ILE B 105 14.16 12.97 21.60
CA ILE B 105 14.47 14.37 21.37
C ILE B 105 15.17 15.02 22.57
N ASP B 106 14.66 14.75 23.78
CA ASP B 106 15.22 15.34 24.99
C ASP B 106 16.64 14.85 25.32
N LEU B 107 16.88 13.55 25.11
CA LEU B 107 18.20 12.99 25.42
C LEU B 107 19.22 13.44 24.40
N ALA B 108 18.73 13.82 23.22
CA ALA B 108 19.58 14.38 22.17
C ALA B 108 20.04 15.78 22.58
N ASP B 109 19.11 16.61 23.04
CA ASP B 109 19.45 17.92 23.60
C ASP B 109 20.39 17.78 24.78
N SER B 110 20.11 16.79 25.63
CA SER B 110 20.90 16.53 26.83
C SER B 110 22.37 16.29 26.48
N GLU B 111 22.61 15.47 25.45
CA GLU B 111 23.97 15.17 25.01
C GLU B 111 24.69 16.42 24.52
N MET B 112 23.94 17.29 23.84
CA MET B 112 24.49 18.57 23.37
C MET B 112 24.98 19.43 24.53
N ASP B 113 24.16 19.53 25.58
CA ASP B 113 24.52 20.31 26.76
C ASP B 113 25.78 19.75 27.41
N LYS B 114 25.81 18.44 27.62
CA LYS B 114 26.95 17.77 28.25
C LYS B 114 28.26 18.06 27.54
N LEU B 115 28.21 18.08 26.21
CA LEU B 115 29.38 18.35 25.39
C LEU B 115 29.82 19.80 25.57
N TYR B 116 28.85 20.72 25.48
CA TYR B 116 29.08 22.14 25.71
C TYR B 116 29.64 22.38 27.10
N GLU B 117 29.06 21.72 28.10
CA GLU B 117 29.51 21.85 29.48
C GLU B 117 30.93 21.32 29.67
N ARG B 118 31.25 20.23 28.97
CA ARG B 118 32.58 19.63 29.09
C ARG B 118 33.65 20.59 28.55
N VAL B 119 33.40 21.13 27.35
CA VAL B 119 34.30 22.10 26.73
C VAL B 119 34.47 23.35 27.60
N LYS B 120 33.37 23.83 28.17
CA LYS B 120 33.41 24.98 29.06
C LYS B 120 34.35 24.72 30.24
N ARG B 121 34.29 23.51 30.77
CA ARG B 121 35.11 23.13 31.92
C ARG B 121 36.58 22.90 31.54
N GLN B 122 36.83 22.62 30.26
CA GLN B 122 38.20 22.47 29.79
C GLN B 122 38.87 23.83 29.73
N LEU B 123 38.14 24.80 29.19
CA LEU B 123 38.67 26.13 28.94
C LEU B 123 38.90 26.94 30.22
N ARG B 124 38.25 26.54 31.31
CA ARG B 124 38.40 27.21 32.60
C ARG B 124 38.11 28.71 32.52
N GLU B 125 39.15 29.50 32.80
CA GLU B 125 39.02 30.96 32.84
C GLU B 125 39.63 31.61 31.60
N ASN B 126 39.93 30.80 30.58
CA ASN B 126 40.58 31.29 29.37
C ASN B 126 39.60 31.64 28.24
N ALA B 127 38.31 31.47 28.51
CA ALA B 127 37.30 31.72 27.48
C ALA B 127 36.00 32.25 28.07
N GLU B 128 35.16 32.82 27.21
CA GLU B 128 33.85 33.31 27.62
C GLU B 128 32.78 32.88 26.61
N GLU B 129 31.57 32.67 27.09
CA GLU B 129 30.47 32.24 26.23
C GLU B 129 29.91 33.41 25.44
N ASP B 130 29.67 33.20 24.14
CA ASP B 130 29.14 34.26 23.29
C ASP B 130 27.61 34.22 23.24
N GLY B 131 27.04 33.10 23.68
CA GLY B 131 25.60 32.98 23.73
C GLY B 131 24.98 32.37 22.47
N THR B 132 25.82 31.85 21.58
CA THR B 132 25.32 31.17 20.39
C THR B 132 25.81 29.73 20.36
N GLY B 133 26.28 29.25 21.51
CA GLY B 133 26.84 27.91 21.59
C GLY B 133 28.33 27.90 21.36
N CYS B 134 28.94 29.08 21.31
CA CYS B 134 30.36 29.20 21.00
C CYS B 134 31.14 29.76 22.17
N PHE B 135 32.46 29.58 22.13
CA PHE B 135 33.34 30.14 23.15
C PHE B 135 34.32 31.13 22.52
N GLU B 136 34.43 32.32 23.09
CA GLU B 136 35.46 33.26 22.67
C GLU B 136 36.74 32.96 23.45
N ILE B 137 37.74 32.45 22.74
CA ILE B 137 39.01 32.09 23.35
C ILE B 137 39.92 33.31 23.40
N PHE B 138 40.39 33.67 24.60
CA PHE B 138 41.18 34.88 24.77
C PHE B 138 42.68 34.63 24.69
N HIS B 139 43.07 33.76 23.77
CA HIS B 139 44.48 33.55 23.44
C HIS B 139 44.60 33.01 22.03
N LYS B 140 45.83 32.86 21.56
CA LYS B 140 46.05 32.26 20.25
C LYS B 140 45.82 30.77 20.33
N CYS B 141 44.87 30.28 19.53
CA CYS B 141 44.66 28.84 19.42
C CYS B 141 44.81 28.37 17.98
N ASP B 142 46.01 27.94 17.63
CA ASP B 142 46.26 27.37 16.31
C ASP B 142 45.50 26.06 16.14
N ASP B 143 45.58 25.46 14.96
CA ASP B 143 44.87 24.22 14.68
C ASP B 143 45.24 23.10 15.65
N ASP B 144 46.48 23.13 16.14
CA ASP B 144 46.95 22.14 17.10
C ASP B 144 46.27 22.35 18.46
N CYS B 145 46.09 23.61 18.84
CA CYS B 145 45.42 23.95 20.09
C CYS B 145 43.94 23.56 20.05
N MET B 146 43.30 23.83 18.91
CA MET B 146 41.90 23.47 18.70
C MET B 146 41.72 21.96 18.78
N ALA B 147 42.70 21.22 18.28
CA ALA B 147 42.66 19.76 18.32
C ALA B 147 42.84 19.25 19.74
N SER B 148 43.64 19.97 20.53
CA SER B 148 43.87 19.59 21.92
C SER B 148 42.58 19.67 22.75
N ILE B 149 41.70 20.59 22.37
CA ILE B 149 40.41 20.74 23.02
C ILE B 149 39.48 19.59 22.65
N ARG B 150 39.43 19.27 21.37
CA ARG B 150 38.56 18.21 20.85
C ARG B 150 38.88 16.82 21.40
N ASN B 151 40.13 16.58 21.74
CA ASN B 151 40.53 15.30 22.34
C ASN B 151 40.80 15.39 23.84
N ASN B 152 40.28 16.45 24.47
CA ASN B 152 40.35 16.62 25.92
C ASN B 152 41.78 16.60 26.49
N THR B 153 42.71 17.23 25.77
CA THR B 153 44.10 17.33 26.22
C THR B 153 44.53 18.80 26.35
N TYR B 154 43.54 19.69 26.41
CA TYR B 154 43.80 21.12 26.58
C TYR B 154 44.16 21.45 28.01
N ASP B 155 45.38 21.91 28.22
CA ASP B 155 45.86 22.31 29.54
C ASP B 155 45.75 23.83 29.70
N HIS B 156 44.69 24.27 30.37
CA HIS B 156 44.40 25.69 30.53
C HIS B 156 45.51 26.44 31.25
N SER B 157 46.27 25.71 32.07
CA SER B 157 47.39 26.30 32.80
C SER B 157 48.42 26.90 31.86
N LYS B 158 48.54 26.31 30.68
CA LYS B 158 49.51 26.75 29.68
C LYS B 158 49.16 28.13 29.11
N TYR B 159 47.87 28.41 29.00
CA TYR B 159 47.40 29.64 28.36
C TYR B 159 46.80 30.66 29.34
N ARG B 160 46.77 30.30 30.62
CA ARG B 160 46.04 31.08 31.62
C ARG B 160 46.50 32.54 31.77
N GLU B 161 47.81 32.77 31.75
CA GLU B 161 48.36 34.13 31.87
C GLU B 161 47.93 35.02 30.71
N GLU B 162 48.20 34.56 29.50
CA GLU B 162 47.85 35.28 28.27
C GLU B 162 46.35 35.54 28.17
N ALA B 163 45.55 34.59 28.62
CA ALA B 163 44.09 34.70 28.54
C ALA B 163 43.52 35.76 29.50
N MET B 164 43.82 35.62 30.78
CA MET B 164 43.31 36.55 31.79
C MET B 164 43.76 37.98 31.52
N GLN B 165 44.93 38.14 30.93
CA GLN B 165 45.45 39.45 30.52
C GLN B 165 44.52 40.08 29.47
N ASN B 166 44.19 39.30 28.45
CA ASN B 166 43.34 39.79 27.38
C ASN B 166 41.87 39.97 27.80
N ARG B 167 41.43 39.18 28.78
CA ARG B 167 40.06 39.29 29.29
C ARG B 167 39.88 40.55 30.14
N ILE B 168 40.84 40.81 31.01
CA ILE B 168 40.78 41.95 31.94
C ILE B 168 40.92 43.30 31.23
N GLN B 169 41.83 43.39 30.27
CA GLN B 169 42.02 44.62 29.51
C GLN B 169 42.69 44.35 28.16
N ASP C 1 -18.62 64.88 13.02
CA ASP C 1 -17.88 63.62 13.02
C ASP C 1 -18.13 62.81 11.75
N LYS C 2 -17.36 61.76 11.57
CA LYS C 2 -17.42 60.99 10.32
C LYS C 2 -16.85 59.59 10.46
N ILE C 3 -17.52 58.61 9.86
CA ILE C 3 -17.00 57.25 9.81
C ILE C 3 -16.95 56.74 8.36
N CYS C 4 -15.88 56.04 8.01
CA CYS C 4 -15.68 55.60 6.63
C CYS C 4 -15.39 54.11 6.53
N LEU C 5 -16.15 53.44 5.67
CA LEU C 5 -15.95 52.02 5.41
C LEU C 5 -14.96 51.84 4.27
N GLY C 6 -14.19 50.76 4.32
CA GLY C 6 -13.22 50.51 3.27
C GLY C 6 -12.72 49.08 3.20
N HIS C 7 -11.80 48.86 2.27
CA HIS C 7 -11.18 47.56 2.09
C HIS C 7 -9.67 47.75 2.01
N HIS C 8 -8.92 46.75 2.44
CA HIS C 8 -7.46 46.83 2.40
C HIS C 8 -6.95 46.88 0.96
N ALA C 9 -5.66 47.18 0.82
CA ALA C 9 -4.99 47.20 -0.48
C ALA C 9 -3.49 47.33 -0.27
N VAL C 10 -2.71 47.00 -1.29
CA VAL C 10 -1.25 47.08 -1.20
C VAL C 10 -0.60 47.55 -2.50
N SER C 11 0.72 47.73 -2.45
CA SER C 11 1.49 48.17 -3.60
C SER C 11 2.21 47.00 -4.28
N ASN C 12 2.25 45.87 -3.57
CA ASN C 12 2.88 44.66 -4.09
C ASN C 12 1.88 43.83 -4.90
N GLY C 13 1.16 44.49 -5.80
CA GLY C 13 0.11 43.86 -6.56
C GLY C 13 0.56 42.77 -7.50
N THR C 14 -0.31 41.78 -7.70
CA THR C 14 -0.04 40.70 -8.64
C THR C 14 -1.19 40.58 -9.65
N LYS C 15 -0.84 40.31 -10.91
CA LYS C 15 -1.83 40.32 -11.99
C LYS C 15 -2.43 38.94 -12.26
N VAL C 16 -3.73 38.91 -12.50
CA VAL C 16 -4.43 37.69 -12.90
C VAL C 16 -5.33 38.01 -14.09
N ASN C 17 -6.08 37.02 -14.56
CA ASN C 17 -6.97 37.25 -15.71
C ASN C 17 -8.44 36.95 -15.41
N THR C 18 -9.34 37.64 -16.10
CA THR C 18 -10.78 37.42 -15.97
C THR C 18 -11.45 37.26 -17.33
N LEU C 19 -12.77 37.09 -17.33
CA LEU C 19 -13.53 36.99 -18.57
C LEU C 19 -13.51 38.32 -19.31
N THR C 20 -13.27 39.39 -18.57
CA THR C 20 -13.21 40.73 -19.13
C THR C 20 -11.76 41.23 -19.19
N GLU C 21 -11.05 41.09 -18.08
CA GLU C 21 -9.73 41.66 -17.95
C GLU C 21 -8.59 40.66 -18.16
N ARG C 22 -7.47 41.17 -18.65
CA ARG C 22 -6.24 40.39 -18.74
C ARG C 22 -5.10 41.18 -18.07
N GLY C 23 -4.79 40.81 -16.83
CA GLY C 23 -3.72 41.46 -16.11
C GLY C 23 -4.16 42.40 -15.01
N VAL C 24 -5.40 42.24 -14.54
CA VAL C 24 -5.90 43.06 -13.45
C VAL C 24 -5.25 42.68 -12.12
N GLU C 25 -4.72 43.68 -11.41
CA GLU C 25 -4.02 43.44 -10.16
C GLU C 25 -4.96 43.15 -8.99
N VAL C 26 -4.56 42.22 -8.13
CA VAL C 26 -5.30 41.90 -6.92
C VAL C 26 -4.36 41.84 -5.72
N VAL C 27 -4.92 41.61 -4.53
CA VAL C 27 -4.15 41.57 -3.29
C VAL C 27 -3.17 40.41 -3.23
N ASN C 28 -3.69 39.19 -3.27
CA ASN C 28 -2.86 38.00 -3.19
C ASN C 28 -3.29 36.94 -4.20
N ALA C 29 -2.33 36.14 -4.67
CA ALA C 29 -2.63 35.10 -5.64
C ALA C 29 -1.68 33.92 -5.50
N THR C 30 -2.08 32.78 -6.04
CA THR C 30 -1.23 31.59 -6.04
C THR C 30 -1.24 30.95 -7.42
N GLU C 31 -0.27 30.06 -7.67
CA GLU C 31 -0.15 29.40 -8.95
C GLU C 31 -0.92 28.09 -8.99
N THR C 32 -1.59 27.83 -10.10
CA THR C 32 -2.34 26.59 -10.29
C THR C 32 -1.59 25.62 -11.19
N VAL C 33 -0.55 26.12 -11.86
CA VAL C 33 0.21 25.30 -12.80
C VAL C 33 1.58 24.89 -12.23
N GLU C 34 1.76 23.59 -12.02
CA GLU C 34 3.01 23.07 -11.48
C GLU C 34 4.14 23.09 -12.51
N ARG C 35 5.33 23.46 -12.05
CA ARG C 35 6.51 23.47 -12.89
C ARG C 35 7.73 22.97 -12.13
N THR C 36 7.59 22.84 -10.81
CA THR C 36 8.68 22.35 -9.98
C THR C 36 8.80 20.84 -10.08
N ASN C 37 9.75 20.39 -10.89
CA ASN C 37 9.99 18.96 -11.08
C ASN C 37 11.04 18.41 -10.11
N ILE C 38 10.81 17.21 -9.60
CA ILE C 38 11.78 16.53 -8.76
C ILE C 38 12.54 15.54 -9.63
N PRO C 39 13.81 15.85 -9.93
CA PRO C 39 14.67 15.06 -10.83
C PRO C 39 15.09 13.71 -10.25
N ARG C 40 14.21 13.09 -9.47
CA ARG C 40 14.45 11.75 -8.93
C ARG C 40 13.19 10.91 -8.95
N ILE C 41 13.34 9.63 -8.62
CA ILE C 41 12.20 8.72 -8.57
C ILE C 41 11.74 8.50 -7.14
N CYS C 42 10.52 8.93 -6.83
CA CYS C 42 9.97 8.77 -5.49
C CYS C 42 9.31 7.39 -5.35
N SER C 43 9.91 6.54 -4.53
CA SER C 43 9.50 5.13 -4.46
C SER C 43 9.10 4.67 -3.06
N LYS C 44 9.03 5.60 -2.12
CA LYS C 44 8.74 5.27 -0.72
C LYS C 44 7.42 4.50 -0.57
N GLY C 45 7.47 3.41 0.19
CA GLY C 45 6.30 2.59 0.42
C GLY C 45 6.04 1.63 -0.74
N LYS C 46 6.68 1.89 -1.88
CA LYS C 46 6.48 1.05 -3.06
C LYS C 46 7.71 0.18 -3.37
N ARG C 47 7.45 -1.10 -3.60
CA ARG C 47 8.50 -2.07 -3.91
C ARG C 47 8.98 -1.87 -5.35
N THR C 48 10.25 -1.55 -5.50
CA THR C 48 10.77 -1.09 -6.78
C THR C 48 11.95 -1.91 -7.28
N VAL C 49 11.89 -2.30 -8.55
CA VAL C 49 13.02 -2.95 -9.22
C VAL C 49 13.52 -2.06 -10.37
N ASP C 50 14.83 -1.92 -10.48
CA ASP C 50 15.41 -1.11 -11.55
C ASP C 50 16.09 -2.02 -12.55
N LEU C 51 15.36 -2.34 -13.62
CA LEU C 51 15.80 -3.30 -14.64
C LEU C 51 17.19 -3.03 -15.19
N GLY C 52 17.53 -1.75 -15.35
CA GLY C 52 18.85 -1.37 -15.85
C GLY C 52 19.08 -1.84 -17.28
N GLN C 53 20.02 -2.78 -17.44
CA GLN C 53 20.35 -3.32 -18.75
C GLN C 53 19.36 -4.41 -19.17
N CYS C 54 18.67 -4.97 -18.20
CA CYS C 54 17.65 -5.98 -18.47
C CYS C 54 16.41 -5.33 -19.07
N GLY C 55 16.03 -5.74 -20.26
CA GLY C 55 14.78 -5.27 -20.84
C GLY C 55 13.62 -5.93 -20.12
N LEU C 56 12.46 -5.28 -20.12
CA LEU C 56 11.29 -5.81 -19.46
C LEU C 56 10.89 -7.18 -20.04
N LEU C 57 10.97 -7.30 -21.36
CA LEU C 57 10.63 -8.54 -22.05
C LEU C 57 11.64 -9.65 -21.75
N GLY C 58 12.84 -9.25 -21.35
CA GLY C 58 13.88 -10.20 -21.00
C GLY C 58 13.55 -11.02 -19.77
N THR C 59 12.66 -10.51 -18.94
CA THR C 59 12.26 -11.20 -17.71
C THR C 59 11.54 -12.54 -17.98
N ILE C 60 11.06 -12.72 -19.21
CA ILE C 60 10.26 -13.88 -19.56
C ILE C 60 11.07 -15.00 -20.21
N THR C 61 11.93 -14.62 -21.15
CA THR C 61 12.79 -15.57 -21.84
C THR C 61 14.04 -15.85 -21.03
N GLY C 62 14.61 -14.80 -20.45
CA GLY C 62 15.75 -14.93 -19.57
C GLY C 62 17.14 -14.80 -20.17
N PRO C 63 17.45 -13.64 -20.79
CA PRO C 63 18.85 -13.40 -21.14
C PRO C 63 19.66 -13.22 -19.87
N PRO C 64 20.99 -13.22 -19.96
CA PRO C 64 21.83 -13.02 -18.77
C PRO C 64 21.50 -11.75 -18.00
N GLN C 65 21.10 -10.69 -18.72
CA GLN C 65 20.79 -9.40 -18.10
C GLN C 65 19.68 -9.49 -17.07
N CYS C 66 18.76 -10.44 -17.27
CA CYS C 66 17.57 -10.53 -16.44
C CYS C 66 17.56 -11.76 -15.53
N ASP C 67 18.75 -12.29 -15.23
CA ASP C 67 18.87 -13.48 -14.39
C ASP C 67 18.32 -13.31 -12.98
N GLN C 68 18.33 -12.06 -12.49
CA GLN C 68 17.84 -11.76 -11.15
C GLN C 68 16.32 -11.61 -11.14
N PHE C 69 15.77 -11.10 -12.24
CA PHE C 69 14.36 -10.74 -12.31
C PHE C 69 13.47 -11.81 -12.95
N LEU C 70 13.97 -13.04 -13.02
CA LEU C 70 13.24 -14.12 -13.67
C LEU C 70 11.89 -14.42 -13.02
N GLU C 71 11.84 -14.31 -11.70
CA GLU C 71 10.59 -14.43 -10.96
C GLU C 71 10.41 -13.21 -10.07
N PHE C 72 10.85 -12.06 -10.58
CA PHE C 72 10.84 -10.81 -9.84
C PHE C 72 9.47 -10.41 -9.33
N SER C 73 9.46 -9.60 -8.28
CA SER C 73 8.23 -9.02 -7.75
C SER C 73 8.47 -7.55 -7.45
N ALA C 74 7.51 -6.70 -7.78
CA ALA C 74 7.63 -5.26 -7.56
C ALA C 74 6.30 -4.55 -7.68
N ASP C 75 6.21 -3.37 -7.06
CA ASP C 75 5.05 -2.50 -7.21
C ASP C 75 5.36 -1.48 -8.29
N LEU C 76 6.64 -1.15 -8.42
CA LEU C 76 7.10 -0.18 -9.42
C LEU C 76 8.26 -0.76 -10.24
N ILE C 77 8.17 -0.60 -11.55
CA ILE C 77 9.19 -1.13 -12.46
C ILE C 77 9.78 -0.01 -13.33
N ILE C 78 11.11 0.06 -13.38
CA ILE C 78 11.77 1.11 -14.17
C ILE C 78 12.53 0.54 -15.35
N GLU C 79 12.04 0.83 -16.56
CA GLU C 79 12.77 0.50 -17.76
C GLU C 79 13.88 1.52 -17.93
N ARG C 80 15.00 1.08 -18.49
CA ARG C 80 16.11 1.98 -18.77
C ARG C 80 16.46 1.91 -20.25
N ARG C 81 16.94 3.01 -20.81
CA ARG C 81 17.29 3.08 -22.22
C ARG C 81 18.39 2.06 -22.58
N GLU C 82 19.22 1.73 -21.59
CA GLU C 82 20.27 0.74 -21.78
C GLU C 82 19.70 -0.68 -21.65
N GLY C 83 18.41 -0.78 -21.35
CA GLY C 83 17.76 -2.07 -21.21
C GLY C 83 17.66 -2.83 -22.52
N SER C 84 17.79 -4.14 -22.44
CA SER C 84 17.68 -4.99 -23.63
C SER C 84 16.91 -6.28 -23.35
N ASP C 85 16.01 -6.62 -24.27
CA ASP C 85 15.18 -7.81 -24.13
C ASP C 85 15.90 -9.03 -24.69
N VAL C 86 17.08 -8.80 -25.27
CA VAL C 86 17.70 -9.76 -26.16
C VAL C 86 19.20 -9.94 -25.93
N CYS C 87 19.65 -11.20 -25.95
CA CYS C 87 21.08 -11.51 -26.02
C CYS C 87 21.42 -11.97 -27.44
N TYR C 88 20.78 -13.04 -27.90
CA TYR C 88 20.84 -13.43 -29.30
C TYR C 88 19.86 -12.56 -30.07
N PRO C 89 20.34 -11.85 -31.10
CA PRO C 89 19.58 -10.86 -31.88
C PRO C 89 18.18 -11.31 -32.28
N GLY C 90 17.26 -10.35 -32.33
CA GLY C 90 15.88 -10.63 -32.66
C GLY C 90 14.94 -9.61 -32.04
N LYS C 91 13.66 -9.95 -32.00
CA LYS C 91 12.64 -9.05 -31.46
C LYS C 91 11.33 -9.80 -31.21
N PHE C 92 10.55 -9.34 -30.24
CA PHE C 92 9.24 -9.90 -29.99
C PHE C 92 8.22 -9.39 -31.01
N VAL C 93 7.23 -10.21 -31.32
CA VAL C 93 6.09 -9.79 -32.12
C VAL C 93 5.03 -9.26 -31.18
N ASN C 94 4.47 -8.09 -31.48
CA ASN C 94 3.60 -7.37 -30.54
C ASN C 94 4.29 -7.20 -29.19
N GLU C 95 5.48 -6.61 -29.22
CA GLU C 95 6.28 -6.40 -28.03
C GLU C 95 5.63 -5.45 -27.04
N GLU C 96 5.20 -4.28 -27.55
CA GLU C 96 4.64 -3.23 -26.72
C GLU C 96 3.39 -3.70 -25.97
N ALA C 97 2.58 -4.51 -26.64
CA ALA C 97 1.42 -5.12 -26.00
C ALA C 97 1.87 -5.99 -24.83
N LEU C 98 2.87 -6.83 -25.07
CA LEU C 98 3.43 -7.68 -24.02
C LEU C 98 4.00 -6.84 -22.86
N ARG C 99 4.69 -5.75 -23.20
CA ARG C 99 5.27 -4.85 -22.20
C ARG C 99 4.21 -4.28 -21.27
N GLN C 100 3.14 -3.74 -21.86
CA GLN C 100 2.05 -3.14 -21.09
C GLN C 100 1.44 -4.13 -20.10
N ILE C 101 1.33 -5.39 -20.53
CA ILE C 101 0.80 -6.46 -19.69
C ILE C 101 1.72 -6.70 -18.48
N LEU C 102 3.03 -6.73 -18.74
CA LEU C 102 4.01 -6.96 -17.69
C LEU C 102 4.14 -5.79 -16.71
N ARG C 103 3.89 -4.57 -17.19
CA ARG C 103 3.96 -3.38 -16.36
C ARG C 103 2.90 -3.40 -15.25
N GLU C 104 1.73 -3.94 -15.57
CA GLU C 104 0.62 -3.99 -14.62
C GLU C 104 0.40 -5.42 -14.15
N SER C 105 1.45 -6.24 -14.21
CA SER C 105 1.36 -7.65 -13.84
C SER C 105 1.59 -7.86 -12.34
N GLY C 106 2.27 -6.92 -11.71
CA GLY C 106 2.64 -7.08 -10.31
C GLY C 106 3.86 -7.97 -10.17
N GLY C 107 4.38 -8.41 -11.30
CA GLY C 107 5.52 -9.31 -11.32
C GLY C 107 5.16 -10.62 -12.02
N ILE C 108 6.12 -11.55 -12.05
CA ILE C 108 5.91 -12.83 -12.70
C ILE C 108 6.29 -14.03 -11.83
N ASP C 109 5.50 -15.09 -11.94
CA ASP C 109 5.80 -16.36 -11.27
C ASP C 109 6.00 -17.43 -12.33
N LYS C 110 7.21 -17.96 -12.41
CA LYS C 110 7.55 -18.97 -13.40
C LYS C 110 7.11 -20.36 -12.94
N GLU C 111 6.66 -21.17 -13.89
CA GLU C 111 6.31 -22.57 -13.62
C GLU C 111 6.73 -23.44 -14.80
N ALA C 112 7.45 -24.52 -14.50
CA ALA C 112 7.93 -25.43 -15.53
C ALA C 112 6.78 -26.02 -16.32
N MET C 113 6.99 -26.22 -17.62
CA MET C 113 5.95 -26.75 -18.48
C MET C 113 6.14 -28.25 -18.69
N GLY C 114 7.29 -28.75 -18.25
CA GLY C 114 7.57 -30.18 -18.27
C GLY C 114 7.68 -30.83 -19.63
N PHE C 115 8.63 -30.37 -20.43
CA PHE C 115 8.90 -30.99 -21.72
C PHE C 115 10.13 -31.91 -21.64
N THR C 116 9.96 -33.15 -22.08
CA THR C 116 11.06 -34.10 -22.16
C THR C 116 11.33 -34.45 -23.62
N TYR C 117 12.60 -34.72 -23.94
CA TYR C 117 12.98 -34.92 -25.34
C TYR C 117 13.80 -36.20 -25.55
N SER C 118 13.64 -36.81 -26.73
CA SER C 118 14.32 -38.07 -27.03
C SER C 118 14.84 -38.10 -28.48
N GLY C 119 16.12 -38.41 -28.63
CA GLY C 119 16.74 -38.47 -29.95
C GLY C 119 16.86 -37.10 -30.59
N ILE C 120 17.51 -36.19 -29.88
CA ILE C 120 17.53 -34.77 -30.24
C ILE C 120 18.44 -34.03 -29.25
N ARG C 121 19.04 -32.92 -29.70
CA ARG C 121 19.80 -32.05 -28.80
C ARG C 121 18.91 -30.93 -28.25
N THR C 122 19.23 -30.48 -27.04
CA THR C 122 18.48 -29.40 -26.39
C THR C 122 19.44 -28.31 -25.95
N ASN C 123 20.73 -28.63 -25.97
CA ASN C 123 21.77 -27.76 -25.44
C ASN C 123 22.26 -26.69 -26.41
N GLY C 124 21.35 -26.17 -27.23
CA GLY C 124 21.70 -25.09 -28.13
C GLY C 124 22.19 -23.86 -27.41
N ALA C 125 23.42 -23.47 -27.70
CA ALA C 125 24.04 -22.33 -27.04
C ALA C 125 24.70 -21.37 -28.03
N THR C 126 25.06 -20.18 -27.56
CA THR C 126 25.67 -19.17 -28.41
C THR C 126 26.64 -18.27 -27.65
N SER C 127 27.41 -17.49 -28.40
CA SER C 127 28.39 -16.56 -27.85
C SER C 127 27.76 -15.25 -27.39
N ALA C 128 26.58 -14.95 -27.92
CA ALA C 128 25.88 -13.71 -27.59
C ALA C 128 25.28 -13.75 -26.18
N CYS C 129 24.84 -14.94 -25.77
CA CYS C 129 24.31 -15.14 -24.43
C CYS C 129 25.38 -15.77 -23.54
N ARG C 130 26.49 -15.07 -23.38
CA ARG C 130 27.59 -15.55 -22.55
C ARG C 130 27.26 -15.54 -21.06
N ARG C 131 27.27 -16.73 -20.46
CA ARG C 131 27.12 -16.89 -19.02
C ARG C 131 28.24 -17.80 -18.57
N SER C 132 29.28 -17.20 -17.98
CA SER C 132 30.57 -17.88 -17.78
C SER C 132 31.09 -18.35 -19.13
N GLY C 133 30.58 -19.49 -19.60
CA GLY C 133 30.86 -19.93 -20.96
C GLY C 133 29.73 -19.50 -21.87
N SER C 134 29.64 -20.09 -23.05
CA SER C 134 28.53 -19.85 -23.95
C SER C 134 27.26 -20.42 -23.33
N SER C 135 26.12 -19.82 -23.64
CA SER C 135 24.85 -20.30 -23.10
C SER C 135 23.65 -19.87 -23.95
N PHE C 136 22.48 -19.87 -23.33
CA PHE C 136 21.24 -19.54 -24.03
C PHE C 136 20.21 -18.99 -23.05
N TYR C 137 19.06 -18.57 -23.58
CA TYR C 137 17.96 -18.06 -22.76
C TYR C 137 17.58 -19.05 -21.64
N ALA C 138 17.50 -18.54 -20.42
CA ALA C 138 17.35 -19.38 -19.23
C ALA C 138 16.03 -20.14 -19.16
N GLU C 139 14.98 -19.58 -19.74
CA GLU C 139 13.66 -20.20 -19.69
C GLU C 139 13.36 -20.93 -21.01
N MET C 140 14.33 -20.96 -21.91
CA MET C 140 14.11 -21.48 -23.24
C MET C 140 15.05 -22.64 -23.58
N LYS C 141 14.60 -23.51 -24.48
CA LYS C 141 15.41 -24.61 -24.98
C LYS C 141 15.62 -24.49 -26.48
N TRP C 142 16.88 -24.51 -26.90
CA TRP C 142 17.20 -24.46 -28.32
C TRP C 142 17.36 -25.89 -28.83
N LEU C 143 16.42 -26.31 -29.67
CA LEU C 143 16.39 -27.69 -30.16
C LEU C 143 17.20 -27.86 -31.44
N LEU C 144 18.02 -28.90 -31.49
CA LEU C 144 18.84 -29.19 -32.66
C LEU C 144 18.50 -30.58 -33.21
N SER C 145 19.17 -30.98 -34.28
CA SER C 145 18.95 -32.32 -34.84
C SER C 145 19.52 -33.39 -33.92
N ASN C 146 20.84 -33.59 -33.99
CA ASN C 146 21.54 -34.55 -33.14
C ASN C 146 23.05 -34.50 -33.33
N THR C 147 23.47 -34.46 -34.58
CA THR C 147 24.89 -34.45 -34.94
C THR C 147 25.18 -33.27 -35.87
N ASP C 148 24.63 -33.33 -37.07
CA ASP C 148 24.81 -32.33 -38.11
C ASP C 148 24.04 -32.79 -39.34
N ASN C 149 23.28 -31.89 -39.97
CA ASN C 149 22.49 -32.22 -41.15
C ASN C 149 21.47 -33.36 -40.94
N ALA C 150 21.46 -33.92 -39.74
CA ALA C 150 20.56 -35.01 -39.39
C ALA C 150 19.12 -34.53 -39.50
N ALA C 151 18.21 -35.43 -39.83
CA ALA C 151 16.80 -35.09 -39.90
C ALA C 151 16.30 -34.70 -38.51
N PHE C 152 15.51 -33.65 -38.42
CA PHE C 152 14.88 -33.30 -37.15
C PHE C 152 13.52 -33.97 -37.10
N PRO C 153 13.38 -34.94 -36.18
CA PRO C 153 12.14 -35.72 -36.04
C PRO C 153 10.94 -34.83 -35.76
N GLN C 154 9.85 -35.03 -36.51
CA GLN C 154 8.61 -34.32 -36.26
C GLN C 154 8.16 -34.58 -34.83
N MET C 155 7.84 -33.52 -34.11
CA MET C 155 7.40 -33.65 -32.72
C MET C 155 6.08 -32.94 -32.49
N THR C 156 5.45 -33.27 -31.36
CA THR C 156 4.21 -32.64 -30.95
C THR C 156 4.17 -32.59 -29.43
N LYS C 157 4.30 -31.40 -28.86
CA LYS C 157 4.30 -31.24 -27.41
C LYS C 157 3.14 -30.36 -26.98
N SER C 158 2.47 -30.75 -25.89
CA SER C 158 1.32 -30.03 -25.40
C SER C 158 1.49 -29.64 -23.93
N TYR C 159 0.65 -28.73 -23.46
CA TYR C 159 0.71 -28.26 -22.08
C TYR C 159 -0.62 -27.65 -21.67
N LYS C 160 -1.11 -28.06 -20.49
CA LYS C 160 -2.36 -27.52 -19.98
C LYS C 160 -2.12 -26.60 -18.78
N ASN C 161 -2.79 -25.45 -18.76
CA ASN C 161 -2.71 -24.54 -17.64
C ASN C 161 -3.58 -25.05 -16.48
N THR C 162 -2.97 -25.76 -15.56
CA THR C 162 -3.68 -26.35 -14.43
C THR C 162 -3.98 -25.33 -13.34
N ARG C 163 -3.77 -24.05 -13.64
CA ARG C 163 -3.95 -22.99 -12.66
C ARG C 163 -5.18 -22.12 -12.93
N LYS C 164 -5.39 -21.13 -12.07
CA LYS C 164 -6.58 -20.29 -12.14
C LYS C 164 -6.29 -18.97 -12.85
N SER C 165 -5.01 -18.73 -13.14
CA SER C 165 -4.58 -17.53 -13.84
C SER C 165 -4.29 -17.85 -15.30
N PRO C 166 -4.32 -16.81 -16.16
CA PRO C 166 -3.91 -17.05 -17.54
C PRO C 166 -2.40 -17.30 -17.62
N ALA C 167 -1.99 -18.24 -18.45
CA ALA C 167 -0.56 -18.56 -18.59
C ALA C 167 0.07 -17.78 -19.73
N LEU C 168 1.13 -17.04 -19.42
CA LEU C 168 1.93 -16.38 -20.46
C LEU C 168 2.91 -17.39 -21.04
N ILE C 169 2.84 -17.59 -22.34
CA ILE C 169 3.65 -18.60 -23.01
C ILE C 169 4.46 -17.99 -24.15
N VAL C 170 5.76 -18.29 -24.20
CA VAL C 170 6.64 -17.74 -25.23
C VAL C 170 7.37 -18.86 -25.99
N TRP C 171 7.42 -18.75 -27.30
CA TRP C 171 8.17 -19.67 -28.15
C TRP C 171 8.91 -18.87 -29.20
N GLY C 172 9.95 -19.45 -29.79
CA GLY C 172 10.77 -18.70 -30.73
C GLY C 172 10.98 -19.39 -32.07
N ILE C 173 10.97 -18.60 -33.14
CA ILE C 173 11.27 -19.11 -34.46
C ILE C 173 12.68 -18.67 -34.86
N HIS C 174 13.52 -19.64 -35.21
CA HIS C 174 14.91 -19.32 -35.55
C HIS C 174 15.08 -19.01 -37.04
N HIS C 175 15.61 -17.83 -37.33
CA HIS C 175 15.89 -17.43 -38.70
C HIS C 175 17.40 -17.48 -38.95
N SER C 176 17.85 -18.53 -39.63
CA SER C 176 19.27 -18.78 -39.85
C SER C 176 19.86 -17.82 -40.88
N VAL C 177 21.19 -17.80 -40.98
CA VAL C 177 21.88 -16.90 -41.90
C VAL C 177 21.72 -17.38 -43.34
N SER C 178 21.51 -18.67 -43.51
CA SER C 178 21.40 -19.27 -44.83
C SER C 178 20.66 -20.60 -44.77
N THR C 179 20.13 -21.04 -45.91
CA THR C 179 19.48 -22.34 -46.01
C THR C 179 20.50 -23.42 -45.65
N ALA C 180 21.77 -23.11 -45.89
CA ALA C 180 22.88 -23.97 -45.47
C ALA C 180 22.88 -24.16 -43.97
N GLU C 181 22.93 -23.07 -43.22
CA GLU C 181 22.95 -23.14 -41.76
C GLU C 181 21.68 -23.76 -41.19
N GLN C 182 20.54 -23.45 -41.80
CA GLN C 182 19.26 -24.03 -41.37
C GLN C 182 19.26 -25.55 -41.54
N THR C 183 19.72 -26.03 -42.69
CA THR C 183 19.84 -27.46 -42.95
C THR C 183 20.82 -28.13 -41.97
N LYS C 184 21.96 -27.46 -41.74
CA LYS C 184 22.98 -27.97 -40.83
C LYS C 184 22.43 -28.21 -39.43
N LEU C 185 21.46 -27.39 -39.02
CA LEU C 185 20.93 -27.46 -37.67
C LEU C 185 19.70 -28.36 -37.53
N TYR C 186 18.78 -28.27 -38.49
CA TYR C 186 17.50 -28.96 -38.36
C TYR C 186 17.20 -29.92 -39.50
N GLY C 187 18.17 -30.09 -40.41
CA GLY C 187 17.99 -30.97 -41.55
C GLY C 187 17.44 -30.25 -42.77
N SER C 188 17.47 -30.94 -43.91
CA SER C 188 17.00 -30.37 -45.18
C SER C 188 15.49 -30.20 -45.21
N GLY C 189 14.98 -29.77 -46.36
CA GLY C 189 13.54 -29.62 -46.54
C GLY C 189 12.97 -28.44 -45.81
N ASN C 190 11.85 -27.90 -46.32
CA ASN C 190 11.15 -26.81 -45.66
C ASN C 190 10.74 -27.18 -44.24
N LYS C 191 10.72 -26.19 -43.36
CA LYS C 191 10.42 -26.43 -41.95
C LYS C 191 9.12 -25.73 -41.55
N LEU C 192 8.35 -26.37 -40.67
CA LEU C 192 7.06 -25.84 -40.24
C LEU C 192 6.91 -25.88 -38.72
N VAL C 193 6.23 -24.87 -38.18
CA VAL C 193 5.94 -24.81 -36.74
C VAL C 193 4.49 -24.39 -36.53
N THR C 194 3.70 -25.23 -35.88
CA THR C 194 2.29 -24.93 -35.65
C THR C 194 2.00 -24.71 -34.16
N VAL C 195 1.11 -23.76 -33.86
CA VAL C 195 0.74 -23.47 -32.48
C VAL C 195 -0.78 -23.45 -32.35
N GLY C 196 -1.33 -24.43 -31.66
CA GLY C 196 -2.77 -24.55 -31.52
C GLY C 196 -3.28 -24.41 -30.10
N SER C 197 -4.29 -23.57 -29.93
CA SER C 197 -4.94 -23.37 -28.63
C SER C 197 -6.42 -23.70 -28.72
N SER C 198 -7.26 -22.83 -28.16
CA SER C 198 -8.70 -22.96 -28.25
C SER C 198 -9.33 -21.60 -28.49
N ASN C 199 -8.47 -20.61 -28.71
CA ASN C 199 -8.88 -19.28 -29.12
C ASN C 199 -7.71 -18.67 -29.90
N TYR C 200 -6.75 -19.52 -30.23
CA TYR C 200 -5.55 -19.11 -30.95
C TYR C 200 -5.13 -20.19 -31.94
N GLN C 201 -4.88 -19.76 -33.18
CA GLN C 201 -4.44 -20.65 -34.24
C GLN C 201 -3.49 -19.88 -35.16
N GLN C 202 -2.26 -20.34 -35.25
CA GLN C 202 -1.24 -19.66 -36.04
C GLN C 202 -0.27 -20.68 -36.62
N SER C 203 0.65 -20.20 -37.45
CA SER C 203 1.65 -21.07 -38.05
C SER C 203 2.92 -20.29 -38.36
N PHE C 204 4.05 -20.99 -38.46
CA PHE C 204 5.33 -20.33 -38.65
C PHE C 204 6.28 -21.15 -39.54
N VAL C 205 6.95 -20.44 -40.45
CA VAL C 205 7.96 -21.04 -41.33
C VAL C 205 9.21 -20.17 -41.23
N PRO C 206 10.37 -20.79 -41.00
CA PRO C 206 11.59 -20.00 -40.86
C PRO C 206 12.02 -19.38 -42.19
N SER C 207 12.70 -18.25 -42.13
CA SER C 207 13.13 -17.55 -43.33
C SER C 207 14.60 -17.22 -43.25
N PRO C 208 15.45 -18.20 -43.61
CA PRO C 208 16.90 -17.99 -43.57
C PRO C 208 17.34 -17.00 -44.65
N GLY C 209 18.38 -16.23 -44.35
CA GLY C 209 18.86 -15.22 -45.28
C GLY C 209 19.91 -14.31 -44.66
N ALA C 210 20.76 -13.74 -45.48
CA ALA C 210 21.82 -12.85 -45.00
C ALA C 210 21.24 -11.60 -44.34
N ARG C 211 21.81 -11.22 -43.21
CA ARG C 211 21.34 -10.07 -42.44
C ARG C 211 22.53 -9.34 -41.82
N PRO C 212 22.33 -8.08 -41.40
CA PRO C 212 23.44 -7.37 -40.74
C PRO C 212 23.91 -8.08 -39.48
N GLN C 213 25.19 -7.93 -39.14
CA GLN C 213 25.72 -8.56 -37.95
C GLN C 213 25.37 -7.78 -36.69
N VAL C 214 24.63 -8.43 -35.80
CA VAL C 214 24.35 -7.88 -34.46
C VAL C 214 25.07 -8.74 -33.44
N ASN C 215 25.96 -8.12 -32.68
CA ASN C 215 26.87 -8.82 -31.77
C ASN C 215 27.75 -9.83 -32.50
N GLY C 216 27.92 -9.64 -33.80
CA GLY C 216 28.73 -10.52 -34.62
C GLY C 216 27.92 -11.57 -35.36
N LEU C 217 26.64 -11.68 -35.02
CA LEU C 217 25.79 -12.70 -35.61
C LEU C 217 24.80 -12.13 -36.63
N SER C 218 24.49 -12.92 -37.66
CA SER C 218 23.58 -12.49 -38.71
C SER C 218 22.25 -13.24 -38.62
N GLY C 219 22.12 -14.09 -37.61
CA GLY C 219 20.88 -14.82 -37.40
C GLY C 219 19.89 -14.08 -36.54
N ARG C 220 18.62 -14.45 -36.65
CA ARG C 220 17.56 -13.80 -35.88
C ARG C 220 16.62 -14.80 -35.23
N ILE C 221 16.27 -14.53 -33.97
CA ILE C 221 15.19 -15.25 -33.30
C ILE C 221 14.06 -14.28 -32.99
N ASP C 222 12.91 -14.46 -33.63
CA ASP C 222 11.75 -13.64 -33.30
C ASP C 222 10.81 -14.39 -32.35
N PHE C 223 10.57 -13.80 -31.19
CA PHE C 223 9.77 -14.44 -30.16
C PHE C 223 8.27 -14.18 -30.36
N HIS C 224 7.47 -15.19 -30.07
CA HIS C 224 6.03 -15.07 -30.15
C HIS C 224 5.41 -15.50 -28.83
N TRP C 225 4.28 -14.89 -28.46
CA TRP C 225 3.66 -15.16 -27.18
C TRP C 225 2.14 -15.22 -27.28
N LEU C 226 1.54 -16.01 -26.41
CA LEU C 226 0.09 -16.02 -26.26
C LEU C 226 -0.28 -16.13 -24.78
N MET C 227 -1.51 -15.76 -24.45
CA MET C 227 -2.00 -15.98 -23.10
C MET C 227 -2.89 -17.21 -23.09
N LEU C 228 -2.55 -18.20 -22.26
CA LEU C 228 -3.33 -19.43 -22.20
C LEU C 228 -4.40 -19.35 -21.13
N ASN C 229 -5.65 -19.55 -21.55
CA ASN C 229 -6.76 -19.62 -20.62
C ASN C 229 -6.64 -20.88 -19.76
N PRO C 230 -7.07 -20.78 -18.49
CA PRO C 230 -7.06 -21.93 -17.56
C PRO C 230 -7.80 -23.13 -18.16
N ASN C 231 -7.35 -24.34 -17.81
CA ASN C 231 -7.96 -25.58 -18.28
C ASN C 231 -7.80 -25.83 -19.79
N ASP C 232 -7.24 -24.86 -20.50
CA ASP C 232 -7.02 -24.99 -21.94
C ASP C 232 -5.60 -25.48 -22.24
N THR C 233 -5.40 -26.00 -23.45
CA THR C 233 -4.12 -26.61 -23.81
C THR C 233 -3.51 -25.93 -25.03
N VAL C 234 -2.20 -25.71 -25.00
CA VAL C 234 -1.46 -25.33 -26.20
C VAL C 234 -0.77 -26.56 -26.75
N THR C 235 -0.66 -26.64 -28.07
CA THR C 235 0.03 -27.75 -28.71
C THR C 235 1.05 -27.23 -29.71
N PHE C 236 2.30 -27.69 -29.58
CA PHE C 236 3.35 -27.27 -30.48
C PHE C 236 3.78 -28.38 -31.43
N SER C 237 3.34 -28.30 -32.67
CA SER C 237 3.80 -29.21 -33.71
C SER C 237 4.85 -28.50 -34.56
N PHE C 238 5.98 -29.17 -34.78
CA PHE C 238 7.14 -28.55 -35.42
C PHE C 238 8.11 -29.62 -35.92
N ASN C 239 9.11 -29.20 -36.67
CA ASN C 239 10.13 -30.12 -37.18
C ASN C 239 11.49 -29.45 -37.34
N GLY C 240 11.73 -28.41 -36.55
CA GLY C 240 13.00 -27.70 -36.61
C GLY C 240 12.86 -26.20 -36.48
N ALA C 241 13.99 -25.52 -36.34
CA ALA C 241 14.02 -24.06 -36.17
C ALA C 241 13.11 -23.59 -35.05
N PHE C 242 12.92 -24.43 -34.04
CA PHE C 242 11.97 -24.16 -32.95
C PHE C 242 12.67 -23.90 -31.63
N ILE C 243 12.46 -22.72 -31.08
CA ILE C 243 12.95 -22.38 -29.75
C ILE C 243 11.88 -22.71 -28.71
N ALA C 244 12.09 -23.80 -27.98
CA ALA C 244 11.09 -24.31 -27.03
C ALA C 244 11.15 -23.63 -25.69
N PRO C 245 9.97 -23.36 -25.09
CA PRO C 245 9.88 -22.83 -23.73
C PRO C 245 10.07 -23.94 -22.70
N ASP C 246 10.71 -23.62 -21.59
CA ASP C 246 10.88 -24.59 -20.51
C ASP C 246 9.86 -24.30 -19.42
N ARG C 247 9.60 -23.02 -19.18
CA ARG C 247 8.69 -22.58 -18.15
C ARG C 247 7.68 -21.55 -18.66
N ALA C 248 6.47 -21.57 -18.11
CA ALA C 248 5.47 -20.57 -18.43
C ALA C 248 5.53 -19.45 -17.39
N SER C 249 4.99 -18.29 -17.73
CA SER C 249 4.98 -17.16 -16.80
C SER C 249 3.58 -16.89 -16.26
N PHE C 250 3.50 -16.41 -15.03
CA PHE C 250 2.22 -16.08 -14.42
C PHE C 250 2.23 -14.71 -13.78
N LEU C 251 1.19 -13.93 -14.03
CA LEU C 251 1.09 -12.57 -13.52
C LEU C 251 0.86 -12.59 -12.01
N ARG C 252 1.63 -11.80 -11.27
CA ARG C 252 1.53 -11.78 -9.82
C ARG C 252 0.27 -11.08 -9.32
N GLY C 253 0.06 -9.84 -9.76
CA GLY C 253 -1.13 -9.11 -9.36
C GLY C 253 -1.33 -7.75 -10.02
N LYS C 254 -0.69 -6.73 -9.46
CA LYS C 254 -0.86 -5.36 -9.92
C LYS C 254 0.38 -4.53 -9.65
N SER C 255 0.77 -3.72 -10.63
CA SER C 255 1.90 -2.81 -10.47
C SER C 255 1.83 -1.68 -11.51
N MET C 256 2.97 -1.04 -11.72
CA MET C 256 3.09 0.03 -12.70
C MET C 256 4.53 0.20 -13.13
N GLY C 257 4.76 0.37 -14.43
CA GLY C 257 6.10 0.57 -14.94
C GLY C 257 6.26 1.92 -15.62
N ILE C 258 7.50 2.42 -15.66
CA ILE C 258 7.78 3.69 -16.31
C ILE C 258 9.08 3.64 -17.12
N GLN C 259 9.27 4.64 -17.97
CA GLN C 259 10.55 4.85 -18.64
C GLN C 259 11.18 6.11 -18.06
N SER C 260 12.44 6.02 -17.65
CA SER C 260 13.12 7.15 -17.03
C SER C 260 14.63 7.12 -17.19
N GLY C 261 15.27 8.23 -16.82
CA GLY C 261 16.72 8.33 -16.90
C GLY C 261 17.30 9.01 -15.67
N VAL C 262 16.59 8.93 -14.55
CA VAL C 262 17.07 9.52 -13.30
C VAL C 262 17.08 8.50 -12.16
N GLN C 263 17.95 8.72 -11.17
CA GLN C 263 18.16 7.78 -10.08
C GLN C 263 16.92 7.59 -9.19
N VAL C 264 16.98 6.59 -8.31
CA VAL C 264 15.85 6.22 -7.48
C VAL C 264 15.99 6.76 -6.06
N ASP C 265 14.87 7.08 -5.44
CA ASP C 265 14.86 7.55 -4.04
C ASP C 265 13.74 6.86 -3.26
N ALA C 266 14.12 6.02 -2.30
CA ALA C 266 13.15 5.30 -1.48
C ALA C 266 12.64 6.18 -0.34
N ASN C 267 13.16 7.40 -0.25
CA ASN C 267 12.77 8.32 0.81
C ASN C 267 11.55 9.17 0.45
N CYS C 268 11.44 9.55 -0.82
CA CYS C 268 10.32 10.36 -1.30
C CYS C 268 9.18 9.49 -1.81
N GLU C 269 7.95 10.00 -1.69
CA GLU C 269 6.76 9.25 -2.11
C GLU C 269 5.89 10.04 -3.07
N GLY C 270 5.72 9.52 -4.28
CA GLY C 270 4.90 10.16 -5.30
C GLY C 270 3.89 9.22 -5.92
N ASP C 271 3.06 9.74 -6.82
CA ASP C 271 2.04 8.94 -7.48
C ASP C 271 1.77 9.44 -8.91
N CYS C 272 2.73 10.16 -9.47
CA CYS C 272 2.67 10.63 -10.85
C CYS C 272 4.10 10.79 -11.38
N TYR C 273 4.52 9.87 -12.25
CA TYR C 273 5.90 9.85 -12.70
C TYR C 273 6.06 10.25 -14.16
N HIS C 274 7.30 10.53 -14.55
CA HIS C 274 7.66 10.78 -15.93
C HIS C 274 9.16 10.51 -16.13
N SER C 275 9.63 10.63 -17.36
CA SER C 275 11.01 10.28 -17.69
C SER C 275 12.06 11.14 -16.98
N GLY C 276 11.65 12.32 -16.53
CA GLY C 276 12.57 13.24 -15.89
C GLY C 276 12.60 13.13 -14.37
N GLY C 277 11.65 12.40 -13.80
CA GLY C 277 11.58 12.22 -12.36
C GLY C 277 10.17 12.08 -11.82
N THR C 278 9.96 12.58 -10.61
CA THR C 278 8.67 12.50 -9.95
C THR C 278 8.04 13.89 -9.79
N ILE C 279 6.72 13.96 -9.93
CA ILE C 279 5.99 15.21 -9.74
C ILE C 279 5.12 15.16 -8.49
N ILE C 280 5.42 16.00 -7.51
CA ILE C 280 4.58 16.14 -6.33
C ILE C 280 3.97 17.53 -6.29
N SER C 281 2.63 17.58 -6.27
CA SER C 281 1.92 18.84 -6.31
C SER C 281 0.45 18.65 -5.96
N ASN C 282 -0.11 19.65 -5.30
CA ASN C 282 -1.54 19.66 -5.03
C ASN C 282 -2.28 20.46 -6.09
N LEU C 283 -1.51 21.06 -6.99
CA LEU C 283 -2.08 21.83 -8.10
C LEU C 283 -2.83 20.92 -9.05
N PRO C 284 -3.99 21.38 -9.52
CA PRO C 284 -4.84 20.59 -10.42
C PRO C 284 -4.20 20.40 -11.79
N PHE C 285 -3.26 21.26 -12.14
CA PHE C 285 -2.64 21.22 -13.47
C PHE C 285 -1.12 21.26 -13.43
N GLN C 286 -0.49 20.85 -14.53
CA GLN C 286 0.96 20.88 -14.68
C GLN C 286 1.35 21.12 -16.13
N ASN C 287 2.61 21.50 -16.35
CA ASN C 287 3.11 21.80 -17.69
C ASN C 287 4.54 21.28 -17.85
N ILE C 288 4.83 20.16 -17.20
CA ILE C 288 6.18 19.58 -17.25
C ILE C 288 6.29 18.53 -18.35
N ASP C 289 5.35 17.59 -18.38
CA ASP C 289 5.33 16.54 -19.40
C ASP C 289 3.92 15.98 -19.59
N SER C 290 3.49 15.90 -20.86
CA SER C 290 2.16 15.42 -21.19
C SER C 290 2.03 13.91 -20.99
N ARG C 291 3.11 13.18 -21.26
CA ARG C 291 3.10 11.73 -21.14
C ARG C 291 3.27 11.23 -19.71
N ALA C 292 3.04 12.12 -18.75
CA ALA C 292 3.07 11.74 -17.34
C ALA C 292 2.01 10.69 -17.04
N VAL C 293 2.33 9.72 -16.18
CA VAL C 293 1.44 8.61 -15.90
C VAL C 293 1.19 8.42 -14.40
N GLY C 294 0.09 7.75 -14.06
CA GLY C 294 -0.28 7.55 -12.67
C GLY C 294 -1.42 8.46 -12.25
N LYS C 295 -1.51 8.75 -10.96
CA LYS C 295 -2.49 9.70 -10.45
C LYS C 295 -1.86 11.10 -10.44
N CYS C 296 -2.22 11.91 -11.43
CA CYS C 296 -1.50 13.14 -11.70
C CYS C 296 -2.41 14.32 -12.00
N PRO C 297 -1.89 15.55 -11.84
CA PRO C 297 -2.64 16.72 -12.31
C PRO C 297 -2.76 16.70 -13.81
N ARG C 298 -3.81 17.32 -14.35
CA ARG C 298 -4.03 17.32 -15.78
C ARG C 298 -2.99 18.20 -16.46
N TYR C 299 -2.36 17.67 -17.52
CA TYR C 299 -1.38 18.45 -18.25
C TYR C 299 -2.05 19.53 -19.09
N VAL C 300 -1.47 20.73 -19.08
CA VAL C 300 -1.99 21.84 -19.88
C VAL C 300 -0.87 22.59 -20.59
N LYS C 301 -1.21 23.34 -21.64
CA LYS C 301 -0.24 24.06 -22.46
C LYS C 301 0.49 25.18 -21.72
N GLN C 302 -0.27 26.03 -21.05
CA GLN C 302 0.31 27.20 -20.38
C GLN C 302 1.23 26.82 -19.24
N ARG C 303 2.32 27.57 -19.08
CA ARG C 303 3.30 27.31 -18.03
C ARG C 303 2.91 27.94 -16.70
N SER C 304 1.88 28.78 -16.73
CA SER C 304 1.46 29.51 -15.54
C SER C 304 0.00 29.99 -15.60
N LEU C 305 -0.76 29.67 -14.55
CA LEU C 305 -2.12 30.19 -14.40
C LEU C 305 -2.37 30.59 -12.95
N LEU C 306 -2.32 31.90 -12.68
CA LEU C 306 -2.41 32.42 -11.33
C LEU C 306 -3.85 32.52 -10.81
N LEU C 307 -4.10 31.91 -9.65
CA LEU C 307 -5.42 32.00 -9.02
C LEU C 307 -5.43 33.07 -7.93
N ALA C 308 -6.34 34.03 -8.07
CA ALA C 308 -6.43 35.13 -7.12
C ALA C 308 -6.92 34.67 -5.74
N THR C 309 -6.14 34.99 -4.71
CA THR C 309 -6.52 34.64 -3.34
C THR C 309 -6.75 35.91 -2.54
N GLY C 310 -7.09 36.99 -3.23
CA GLY C 310 -7.37 38.27 -2.62
C GLY C 310 -8.32 39.08 -3.48
N MET C 311 -8.75 40.23 -2.97
CA MET C 311 -9.67 41.08 -3.71
C MET C 311 -8.91 41.99 -4.68
N LYS C 312 -9.66 42.70 -5.52
CA LYS C 312 -9.07 43.64 -6.46
C LYS C 312 -8.28 44.72 -5.73
N ASN C 313 -6.99 44.80 -6.02
CA ASN C 313 -6.12 45.77 -5.35
C ASN C 313 -6.29 47.18 -5.92
N VAL C 314 -6.75 48.10 -5.09
CA VAL C 314 -6.94 49.49 -5.48
C VAL C 314 -6.13 50.42 -4.57
N PRO C 315 -5.13 51.10 -5.15
CA PRO C 315 -4.17 51.91 -4.38
C PRO C 315 -4.78 53.16 -3.76
N GLU C 316 -4.34 53.48 -2.54
CA GLU C 316 -4.84 54.64 -1.80
C GLU C 316 -4.39 55.93 -2.46
N ILE C 317 -5.28 56.92 -2.49
CA ILE C 317 -4.97 58.23 -3.08
C ILE C 317 -4.06 59.03 -2.14
N PRO C 318 -2.79 59.21 -2.54
CA PRO C 318 -1.78 59.86 -1.70
C PRO C 318 -1.94 61.37 -1.67
N GLY D 1 -5.74 66.99 5.34
CA GLY D 1 -5.60 65.71 6.01
C GLY D 1 -6.93 65.01 6.22
N ALA D 2 -7.80 65.10 5.22
CA ALA D 2 -9.11 64.46 5.29
C ALA D 2 -8.99 62.95 5.12
N ILE D 3 -10.11 62.24 5.25
CA ILE D 3 -10.12 60.80 5.04
C ILE D 3 -11.22 60.39 4.07
N ALA D 4 -11.08 59.19 3.50
CA ALA D 4 -12.05 58.66 2.55
C ALA D 4 -12.07 57.14 2.61
N GLY D 5 -13.24 56.55 2.32
CA GLY D 5 -13.39 55.11 2.37
C GLY D 5 -13.14 54.44 1.04
N PHE D 6 -13.97 53.45 0.70
CA PHE D 6 -13.87 52.82 -0.62
C PHE D 6 -14.46 53.74 -1.69
N ILE D 7 -14.77 53.19 -2.86
CA ILE D 7 -15.08 53.97 -4.06
C ILE D 7 -13.88 54.84 -4.40
N GLU D 8 -13.08 54.37 -5.36
CA GLU D 8 -11.77 54.93 -5.65
C GLU D 8 -10.87 54.90 -4.41
N ASN D 9 -10.06 53.85 -4.32
CA ASN D 9 -8.99 53.66 -3.32
C ASN D 9 -9.35 52.88 -2.04
N GLY D 10 -8.45 51.97 -1.68
CA GLY D 10 -8.53 51.25 -0.42
C GLY D 10 -7.46 51.78 0.50
N TRP D 11 -7.22 51.11 1.62
CA TRP D 11 -6.30 51.63 2.62
C TRP D 11 -5.02 50.80 2.74
N GLU D 12 -3.92 51.34 2.23
CA GLU D 12 -2.63 50.66 2.28
C GLU D 12 -2.05 50.69 3.69
N GLY D 13 -2.75 51.38 4.59
CA GLY D 13 -2.40 51.37 6.01
C GLY D 13 -3.14 50.26 6.72
N LEU D 14 -4.22 49.77 6.09
CA LEU D 14 -5.00 48.67 6.63
C LEU D 14 -4.21 47.37 6.49
N ILE D 15 -3.59 46.94 7.59
CA ILE D 15 -2.68 45.79 7.57
C ILE D 15 -3.05 44.71 8.57
N ASP D 16 -4.18 44.86 9.25
CA ASP D 16 -4.62 43.88 10.23
C ASP D 16 -5.95 43.24 9.84
N GLY D 17 -6.40 43.51 8.62
CA GLY D 17 -7.63 42.96 8.11
C GLY D 17 -7.86 43.32 6.65
N TRP D 18 -8.90 42.75 6.06
CA TRP D 18 -9.24 43.03 4.68
C TRP D 18 -10.20 44.22 4.59
N TYR D 19 -11.24 44.20 5.41
CA TYR D 19 -12.12 45.35 5.55
C TYR D 19 -11.84 46.01 6.89
N GLY D 20 -12.29 47.25 7.08
CA GLY D 20 -12.05 47.95 8.32
C GLY D 20 -12.71 49.30 8.47
N PHE D 21 -12.55 49.90 9.66
CA PHE D 21 -13.13 51.20 9.97
C PHE D 21 -12.08 52.29 10.03
N ARG D 22 -12.45 53.50 9.57
CA ARG D 22 -11.58 54.67 9.69
C ARG D 22 -12.41 55.90 10.05
N HIS D 23 -12.17 56.44 11.24
CA HIS D 23 -12.98 57.52 11.78
C HIS D 23 -12.16 58.77 12.04
N GLN D 24 -12.84 59.90 12.21
CA GLN D 24 -12.20 61.12 12.66
C GLN D 24 -13.11 61.93 13.59
N ASN D 25 -12.60 62.26 14.77
CA ASN D 25 -13.33 63.10 15.72
C ASN D 25 -12.37 64.03 16.45
N ALA D 26 -12.83 64.57 17.58
CA ALA D 26 -12.00 65.48 18.37
C ALA D 26 -10.75 64.78 18.91
N GLN D 27 -10.87 63.48 19.18
CA GLN D 27 -9.75 62.69 19.67
C GLN D 27 -8.65 62.54 18.62
N GLY D 28 -9.01 62.68 17.36
CA GLY D 28 -8.07 62.56 16.27
C GLY D 28 -8.55 61.63 15.17
N GLU D 29 -7.61 60.95 14.52
CA GLU D 29 -7.93 59.99 13.48
C GLU D 29 -7.50 58.58 13.89
N GLY D 30 -8.28 57.58 13.50
CA GLY D 30 -7.96 56.20 13.82
C GLY D 30 -8.38 55.22 12.74
N THR D 31 -7.93 53.98 12.86
CA THR D 31 -8.28 52.92 11.92
C THR D 31 -8.26 51.54 12.58
N ALA D 32 -9.37 50.81 12.46
CA ALA D 32 -9.47 49.47 13.01
C ALA D 32 -10.16 48.53 12.00
N ALA D 33 -9.88 47.23 12.10
CA ALA D 33 -10.40 46.26 11.14
C ALA D 33 -11.57 45.43 11.67
N ASP D 34 -12.47 45.03 10.76
CA ASP D 34 -13.61 44.22 11.13
C ASP D 34 -13.34 42.73 10.88
N TYR D 35 -13.44 41.94 11.94
CA TYR D 35 -13.14 40.51 11.90
C TYR D 35 -14.09 39.73 10.98
N LYS D 36 -15.39 39.84 11.25
CA LYS D 36 -16.40 39.02 10.59
C LYS D 36 -16.37 39.11 9.06
N SER D 37 -16.35 40.33 8.53
CA SER D 37 -16.33 40.54 7.08
C SER D 37 -15.03 40.00 6.48
N THR D 38 -13.92 40.27 7.14
CA THR D 38 -12.61 39.80 6.71
C THR D 38 -12.53 38.27 6.76
N GLN D 39 -13.08 37.69 7.83
CA GLN D 39 -13.05 36.24 7.99
C GLN D 39 -13.98 35.54 7.00
N SER D 40 -15.11 36.18 6.70
CA SER D 40 -16.07 35.63 5.75
C SER D 40 -15.47 35.45 4.36
N ALA D 41 -14.89 36.52 3.82
CA ALA D 41 -14.25 36.48 2.52
C ALA D 41 -13.13 35.44 2.46
N ILE D 42 -12.34 35.38 3.54
CA ILE D 42 -11.27 34.39 3.65
C ILE D 42 -11.83 32.96 3.64
N ASP D 43 -12.95 32.76 4.34
CA ASP D 43 -13.63 31.46 4.34
C ASP D 43 -14.00 31.03 2.93
N GLN D 44 -14.58 31.94 2.17
CA GLN D 44 -14.93 31.68 0.77
C GLN D 44 -13.69 31.41 -0.08
N ILE D 45 -12.67 32.23 0.10
CA ILE D 45 -11.41 32.10 -0.63
C ILE D 45 -10.72 30.78 -0.29
N THR D 46 -10.70 30.42 0.98
CA THR D 46 -10.14 29.14 1.41
C THR D 46 -11.02 27.98 0.93
N GLY D 47 -12.30 28.28 0.68
CA GLY D 47 -13.23 27.30 0.19
C GLY D 47 -12.99 26.93 -1.27
N LYS D 48 -12.59 27.91 -2.07
CA LYS D 48 -12.30 27.67 -3.48
C LYS D 48 -11.03 26.82 -3.63
N LEU D 49 -9.99 27.20 -2.91
CA LEU D 49 -8.70 26.53 -2.97
C LEU D 49 -8.82 25.05 -2.62
N ASN D 50 -9.55 24.75 -1.56
CA ASN D 50 -9.76 23.37 -1.12
C ASN D 50 -10.43 22.50 -2.18
N ARG D 51 -11.41 23.08 -2.87
CA ARG D 51 -12.11 22.37 -3.94
C ARG D 51 -11.20 22.12 -5.14
N LEU D 52 -10.23 22.99 -5.34
CA LEU D 52 -9.27 22.85 -6.44
C LEU D 52 -8.03 22.07 -6.00
N ILE D 53 -8.09 21.53 -4.79
CA ILE D 53 -7.02 20.69 -4.26
C ILE D 53 -7.48 19.23 -4.27
N GLU D 54 -8.80 19.05 -4.35
CA GLU D 54 -9.42 17.74 -4.35
C GLU D 54 -8.89 16.83 -5.47
N LYS D 55 -7.88 16.04 -5.13
CA LYS D 55 -7.20 15.20 -6.10
C LYS D 55 -8.08 14.08 -6.67
N THR D 56 -7.69 13.59 -7.84
CA THR D 56 -8.38 12.48 -8.47
C THR D 56 -7.67 11.17 -8.18
N ASN D 57 -8.42 10.07 -8.23
CA ASN D 57 -7.84 8.75 -8.00
C ASN D 57 -7.74 7.92 -9.29
N GLN D 58 -7.99 8.55 -10.43
CA GLN D 58 -7.84 7.86 -11.70
C GLN D 58 -6.37 7.76 -12.08
N GLN D 59 -5.93 6.52 -12.31
CA GLN D 59 -4.54 6.28 -12.68
C GLN D 59 -4.43 5.88 -14.15
N PHE D 60 -3.43 6.43 -14.83
CA PHE D 60 -3.14 6.04 -16.20
C PHE D 60 -1.74 5.45 -16.31
N GLU D 61 -1.59 4.50 -17.22
CA GLU D 61 -0.33 3.81 -17.43
C GLU D 61 0.22 4.20 -18.80
N LEU D 62 1.47 3.86 -19.05
CA LEU D 62 2.09 4.16 -20.34
C LEU D 62 1.28 3.54 -21.47
N ILE D 63 1.09 4.30 -22.54
CA ILE D 63 0.31 3.83 -23.69
C ILE D 63 1.20 3.80 -24.93
N ASP D 64 2.35 4.46 -24.82
CA ASP D 64 3.35 4.44 -25.88
C ASP D 64 4.74 4.17 -25.31
N ASN D 65 5.77 4.59 -26.04
CA ASN D 65 7.13 4.26 -25.69
C ASN D 65 8.08 5.31 -26.28
N GLU D 66 8.94 5.88 -25.44
CA GLU D 66 9.90 6.88 -25.89
C GLU D 66 11.29 6.28 -26.08
N PHE D 67 11.39 4.97 -25.91
CA PHE D 67 12.62 4.24 -26.20
C PHE D 67 12.45 3.49 -27.52
N ASN D 68 11.48 2.59 -27.56
CA ASN D 68 11.12 1.91 -28.80
C ASN D 68 9.83 2.48 -29.36
N GLU D 69 9.94 3.45 -30.27
CA GLU D 69 8.77 4.09 -30.87
C GLU D 69 7.81 3.07 -31.46
N VAL D 70 6.53 3.19 -31.11
CA VAL D 70 5.50 2.24 -31.53
C VAL D 70 5.26 2.31 -33.03
N GLU D 71 4.29 1.54 -33.50
CA GLU D 71 3.88 1.57 -34.90
C GLU D 71 3.35 2.97 -35.22
N LYS D 72 3.64 3.44 -36.43
CA LYS D 72 3.33 4.81 -36.86
C LYS D 72 1.84 5.17 -36.83
N GLN D 73 1.03 4.38 -37.54
CA GLN D 73 -0.40 4.65 -37.65
C GLN D 73 -1.10 4.77 -36.30
N ILE D 74 -0.99 3.72 -35.48
CA ILE D 74 -1.53 3.74 -34.13
C ILE D 74 -0.81 4.81 -33.30
N GLY D 75 0.47 5.03 -33.60
CA GLY D 75 1.27 6.01 -32.88
C GLY D 75 0.76 7.43 -33.10
N ASN D 76 0.51 7.77 -34.36
CA ASN D 76 -0.04 9.07 -34.70
C ASN D 76 -1.49 9.24 -34.23
N VAL D 77 -2.21 8.12 -34.13
CA VAL D 77 -3.55 8.14 -33.55
C VAL D 77 -3.51 8.55 -32.08
N ILE D 78 -2.59 7.93 -31.33
CA ILE D 78 -2.38 8.24 -29.92
C ILE D 78 -2.09 9.73 -29.71
N ASN D 79 -1.13 10.26 -30.46
CA ASN D 79 -0.80 11.69 -30.41
C ASN D 79 -1.97 12.58 -30.78
N TRP D 80 -2.71 12.19 -31.82
CA TRP D 80 -3.89 12.94 -32.24
C TRP D 80 -4.98 12.93 -31.17
N THR D 81 -5.09 11.81 -30.44
CA THR D 81 -6.05 11.73 -29.33
C THR D 81 -5.55 12.52 -28.12
N ARG D 82 -4.28 12.31 -27.76
CA ARG D 82 -3.69 13.00 -26.62
C ARG D 82 -3.70 14.51 -26.77
N ASP D 83 -3.13 15.01 -27.87
CA ASP D 83 -3.04 16.45 -28.09
C ASP D 83 -4.41 17.12 -28.18
N SER D 84 -5.41 16.38 -28.66
CA SER D 84 -6.78 16.86 -28.66
C SER D 84 -7.28 17.04 -27.23
N ILE D 85 -6.94 16.10 -26.37
CA ILE D 85 -7.31 16.15 -24.96
C ILE D 85 -6.52 17.23 -24.19
N THR D 86 -5.25 17.39 -24.53
CA THR D 86 -4.42 18.46 -23.96
C THR D 86 -5.01 19.82 -24.34
N GLU D 87 -5.60 19.89 -25.53
CA GLU D 87 -6.28 21.10 -25.99
C GLU D 87 -7.55 21.39 -25.21
N VAL D 88 -8.13 20.35 -24.60
CA VAL D 88 -9.33 20.49 -23.79
C VAL D 88 -9.03 20.96 -22.37
N TRP D 89 -8.13 20.27 -21.69
CA TRP D 89 -7.75 20.64 -20.32
C TRP D 89 -7.13 22.02 -20.24
N SER D 90 -6.34 22.38 -21.24
CA SER D 90 -5.73 23.71 -21.33
C SER D 90 -6.79 24.81 -21.35
N TYR D 91 -7.86 24.56 -22.09
CA TYR D 91 -9.00 25.48 -22.14
C TYR D 91 -9.81 25.47 -20.85
N ASN D 92 -10.13 24.29 -20.35
CA ASN D 92 -10.87 24.14 -19.10
C ASN D 92 -10.18 24.84 -17.92
N ALA D 93 -8.86 24.67 -17.83
CA ALA D 93 -8.06 25.33 -16.82
C ALA D 93 -8.05 26.84 -17.01
N GLU D 94 -7.82 27.27 -18.25
CA GLU D 94 -7.84 28.67 -18.62
C GLU D 94 -9.15 29.34 -18.20
N LEU D 95 -10.25 28.71 -18.57
CA LEU D 95 -11.57 29.24 -18.28
C LEU D 95 -11.89 29.27 -16.78
N LEU D 96 -11.58 28.17 -16.10
CA LEU D 96 -11.87 28.04 -14.67
C LEU D 96 -11.22 29.17 -13.86
N VAL D 97 -9.94 29.42 -14.12
CA VAL D 97 -9.22 30.50 -13.46
C VAL D 97 -9.86 31.85 -13.79
N ALA D 98 -10.14 32.06 -15.07
CA ALA D 98 -10.81 33.28 -15.52
C ALA D 98 -12.15 33.46 -14.84
N MET D 99 -12.88 32.36 -14.67
CA MET D 99 -14.21 32.39 -14.06
C MET D 99 -14.15 32.58 -12.55
N GLU D 100 -13.37 31.73 -11.87
CA GLU D 100 -13.25 31.81 -10.41
C GLU D 100 -12.75 33.17 -9.95
N ASN D 101 -11.82 33.75 -10.69
CA ASN D 101 -11.29 35.08 -10.37
C ASN D 101 -12.35 36.18 -10.51
N GLN D 102 -13.13 36.13 -11.58
CA GLN D 102 -14.20 37.11 -11.79
C GLN D 102 -15.25 36.98 -10.69
N HIS D 103 -15.48 35.75 -10.24
CA HIS D 103 -16.37 35.52 -9.11
C HIS D 103 -15.70 35.94 -7.81
N THR D 104 -14.40 35.64 -7.70
CA THR D 104 -13.61 36.07 -6.54
C THR D 104 -13.67 37.58 -6.38
N ILE D 105 -13.49 38.29 -7.49
CA ILE D 105 -13.61 39.74 -7.53
C ILE D 105 -14.99 40.21 -7.07
N ASP D 106 -16.04 39.62 -7.66
CA ASP D 106 -17.41 40.04 -7.38
C ASP D 106 -17.87 39.77 -5.94
N LEU D 107 -17.47 38.63 -5.38
CA LEU D 107 -17.85 38.28 -4.01
C LEU D 107 -17.24 39.26 -3.01
N ALA D 108 -16.01 39.70 -3.29
CA ALA D 108 -15.32 40.66 -2.44
C ALA D 108 -16.06 41.99 -2.41
N ASP D 109 -16.41 42.49 -3.60
CA ASP D 109 -17.17 43.74 -3.71
C ASP D 109 -18.54 43.64 -3.03
N SER D 110 -19.11 42.43 -3.04
CA SER D 110 -20.42 42.19 -2.42
C SER D 110 -20.34 42.36 -0.91
N GLU D 111 -19.24 41.92 -0.32
CA GLU D 111 -19.04 42.03 1.12
C GLU D 111 -18.88 43.48 1.56
N MET D 112 -18.22 44.29 0.73
CA MET D 112 -18.02 45.70 1.03
C MET D 112 -19.36 46.44 1.13
N ASP D 113 -20.18 46.26 0.10
CA ASP D 113 -21.51 46.88 0.08
C ASP D 113 -22.36 46.44 1.27
N LYS D 114 -22.35 45.13 1.54
CA LYS D 114 -23.08 44.57 2.68
C LYS D 114 -22.56 45.11 4.00
N LEU D 115 -21.26 45.40 4.06
CA LEU D 115 -20.66 46.01 5.23
C LEU D 115 -21.07 47.48 5.29
N TYR D 116 -21.04 48.13 4.13
CA TYR D 116 -21.43 49.52 4.00
C TYR D 116 -22.90 49.71 4.36
N GLU D 117 -23.75 48.84 3.82
CA GLU D 117 -25.18 48.89 4.09
C GLU D 117 -25.48 48.54 5.55
N ARG D 118 -24.69 47.64 6.13
CA ARG D 118 -24.88 47.26 7.52
C ARG D 118 -24.75 48.46 8.46
N VAL D 119 -23.69 49.24 8.26
CA VAL D 119 -23.45 50.43 9.06
C VAL D 119 -24.54 51.47 8.85
N LYS D 120 -24.91 51.68 7.58
CA LYS D 120 -25.99 52.60 7.23
C LYS D 120 -27.29 52.26 7.95
N ARG D 121 -27.51 50.97 8.19
CA ARG D 121 -28.69 50.50 8.91
C ARG D 121 -28.61 50.77 10.41
N GLN D 122 -27.39 50.95 10.92
CA GLN D 122 -27.20 51.20 12.35
C GLN D 122 -27.46 52.65 12.71
N LEU D 123 -26.87 53.56 11.95
CA LEU D 123 -26.92 54.99 12.24
C LEU D 123 -28.29 55.60 11.95
N ARG D 124 -29.15 54.85 11.27
CA ARG D 124 -30.52 55.27 10.99
C ARG D 124 -30.62 56.65 10.35
N GLU D 125 -31.07 57.63 11.12
CA GLU D 125 -31.23 58.99 10.63
C GLU D 125 -30.27 59.94 11.34
N ASN D 126 -29.20 59.38 11.89
CA ASN D 126 -28.25 60.16 12.67
C ASN D 126 -26.97 60.51 11.92
N ALA D 127 -26.96 60.28 10.61
CA ALA D 127 -25.80 60.57 9.77
C ALA D 127 -26.18 60.62 8.29
N GLU D 128 -25.26 61.09 7.46
CA GLU D 128 -25.48 61.14 6.02
C GLU D 128 -24.25 60.65 5.24
N GLU D 129 -24.50 59.95 4.14
CA GLU D 129 -23.43 59.42 3.31
C GLU D 129 -22.74 60.52 2.52
N ASP D 130 -21.41 60.52 2.54
CA ASP D 130 -20.63 61.58 1.89
C ASP D 130 -20.41 61.32 0.40
N GLY D 131 -20.62 60.09 -0.03
CA GLY D 131 -20.43 59.72 -1.42
C GLY D 131 -19.09 59.04 -1.66
N THR D 132 -18.21 59.13 -0.67
CA THR D 132 -16.93 58.44 -0.74
C THR D 132 -16.97 57.18 0.13
N GLY D 133 -18.18 56.73 0.45
CA GLY D 133 -18.37 55.55 1.27
C GLY D 133 -18.30 55.86 2.75
N CYS D 134 -18.17 57.14 3.08
CA CYS D 134 -18.05 57.58 4.47
C CYS D 134 -19.34 58.25 4.95
N PHE D 135 -19.63 58.11 6.24
CA PHE D 135 -20.83 58.68 6.83
C PHE D 135 -20.55 59.92 7.67
N GLU D 136 -21.13 61.04 7.29
CA GLU D 136 -20.99 62.29 8.05
C GLU D 136 -21.87 62.24 9.30
N ILE D 137 -21.23 62.10 10.46
CA ILE D 137 -21.97 61.97 11.72
C ILE D 137 -22.35 63.35 12.27
N PHE D 138 -23.63 63.53 12.53
CA PHE D 138 -24.16 64.83 12.96
C PHE D 138 -24.27 64.93 14.48
N HIS D 139 -23.32 64.32 15.18
CA HIS D 139 -23.25 64.42 16.63
C HIS D 139 -21.84 64.12 17.11
N LYS D 140 -21.53 64.54 18.33
CA LYS D 140 -20.23 64.28 18.92
C LYS D 140 -20.05 62.79 19.14
N CYS D 141 -19.01 62.22 18.53
CA CYS D 141 -18.73 60.80 18.68
C CYS D 141 -17.31 60.56 19.15
N ASP D 142 -17.14 60.36 20.46
CA ASP D 142 -15.84 60.05 21.04
C ASP D 142 -15.31 58.70 20.56
N ASP D 143 -14.16 58.30 21.08
CA ASP D 143 -13.59 57.01 20.71
C ASP D 143 -14.51 55.85 21.08
N ASP D 144 -15.13 55.93 22.25
CA ASP D 144 -16.07 54.89 22.69
C ASP D 144 -17.34 54.89 21.85
N CYS D 145 -17.74 56.07 21.38
CA CYS D 145 -18.89 56.16 20.49
C CYS D 145 -18.60 55.45 19.18
N MET D 146 -17.38 55.67 18.65
CA MET D 146 -16.93 54.98 17.45
C MET D 146 -16.86 53.48 17.67
N ALA D 147 -16.34 53.09 18.83
CA ALA D 147 -16.19 51.68 19.17
C ALA D 147 -17.55 51.01 19.37
N SER D 148 -18.54 51.79 19.78
CA SER D 148 -19.91 51.29 19.93
C SER D 148 -20.48 50.92 18.57
N ILE D 149 -20.04 51.62 17.53
CA ILE D 149 -20.43 51.33 16.17
C ILE D 149 -19.72 50.08 15.66
N ARG D 150 -18.42 49.99 15.95
CA ARG D 150 -17.58 48.91 15.44
C ARG D 150 -17.99 47.54 15.97
N ASN D 151 -18.60 47.51 17.16
CA ASN D 151 -19.07 46.26 17.73
C ASN D 151 -20.60 46.11 17.71
N ASN D 152 -21.25 46.92 16.88
CA ASN D 152 -22.70 46.90 16.73
C ASN D 152 -23.45 47.13 18.05
N THR D 153 -22.80 47.82 18.98
CA THR D 153 -23.43 48.16 20.25
C THR D 153 -23.86 49.62 20.24
N TYR D 154 -24.02 50.17 19.04
CA TYR D 154 -24.44 51.55 18.87
C TYR D 154 -25.96 51.66 18.97
N ASP D 155 -26.43 52.55 19.83
CA ASP D 155 -27.85 52.84 19.95
C ASP D 155 -28.16 54.17 19.28
N HIS D 156 -28.90 54.10 18.18
CA HIS D 156 -29.26 55.29 17.41
C HIS D 156 -30.28 56.13 18.16
N SER D 157 -31.06 55.49 19.02
CA SER D 157 -32.07 56.17 19.82
C SER D 157 -31.41 57.15 20.79
N LYS D 158 -30.16 56.90 21.10
CA LYS D 158 -29.40 57.71 22.04
C LYS D 158 -29.07 59.09 21.48
N TYR D 159 -28.75 59.14 20.19
CA TYR D 159 -28.25 60.36 19.57
C TYR D 159 -29.21 61.00 18.56
N ARG D 160 -30.41 60.45 18.42
CA ARG D 160 -31.34 60.91 17.38
C ARG D 160 -31.66 62.41 17.43
N GLU D 161 -32.22 62.86 18.55
CA GLU D 161 -32.60 64.27 18.70
C GLU D 161 -31.43 65.20 18.42
N GLU D 162 -30.29 64.92 19.05
CA GLU D 162 -29.08 65.71 18.89
C GLU D 162 -28.60 65.74 17.45
N ALA D 163 -28.71 64.60 16.77
CA ALA D 163 -28.24 64.49 15.39
C ALA D 163 -29.21 65.11 14.39
N MET D 164 -30.51 64.89 14.60
CA MET D 164 -31.53 65.46 13.73
C MET D 164 -31.46 66.98 13.70
N GLN D 165 -31.13 67.58 14.85
CA GLN D 165 -31.02 69.03 14.97
C GLN D 165 -29.94 69.59 14.03
N ASN D 166 -28.76 68.98 14.07
CA ASN D 166 -27.64 69.42 13.23
C ASN D 166 -27.91 69.24 11.74
N ARG D 167 -28.64 68.18 11.39
CA ARG D 167 -29.00 67.92 10.00
C ARG D 167 -29.99 68.93 9.46
N ILE D 168 -31.02 69.22 10.25
CA ILE D 168 -32.15 70.02 9.79
C ILE D 168 -31.81 71.51 9.63
N GLN D 169 -31.05 72.07 10.56
CA GLN D 169 -30.60 73.46 10.45
C GLN D 169 -29.36 73.73 11.30
#